data_5VVX
#
_entry.id   5VVX
#
_cell.length_a   82.922
_cell.length_b   96.222
_cell.length_c   89.653
_cell.angle_alpha   90.00
_cell.angle_beta   114.56
_cell.angle_gamma   90.00
#
_symmetry.space_group_name_H-M   'P 1 21 1'
#
loop_
_entity.id
_entity.type
_entity.pdbx_description
1 polymer 'Protein O-GlcNAcase'
2 polymer 'Lamin B1'
3 non-polymer 2-acetamido-2-deoxy-beta-D-glucopyranose
4 water water
#
loop_
_entity_poly.entity_id
_entity_poly.type
_entity_poly.pdbx_seq_one_letter_code
_entity_poly.pdbx_strand_id
1 'polypeptide(L)'
;HFLCGVVEGFYGRPWVMEQRKELFRRLQKWELNTYLYAPKDDYKHRMFWREMYSVEEAEQLMTLISAAREYEIEFIYAIS
PGLDITFSNPKEVSTLKRKLDQVSQFGCRSFALLFDNIDHNMCAADKEVFSSFAHAQVSITNEIYQYLGEPETFLFCPTE
YCGTFCYPNVSQSPYLRTVGEKLLPGIEVLWTGPKVVSKEIPVESIEEVSKIIKRAPVIWDNIHANDYDQKRLFLGPYKG
RSTELIPRLKGVLTNPNCEFEANYVAIHTLATWYKSNMNGVRKDVVMTDSEDSTVSIQIKLENEGSDEDIETDVLYSPQM
ALKLALTEWLQEFGVPHQYSSRGGGGSGGGGSVTLEDLQLLADLFYLPYEHGPKGAQMLREFQWLRANSSVVSVNCKGKD
SEKIEEWRSRAAKFEEMCGLVMGMFTRLSNCANRTILYDMYSYVWDIKSIMSMVKSFVQWLGCRSHSSAQFLIGDQEPWA
FRGGLAGEFQRLLPIDGANDLFFQ
;
A,C
2 'polypeptide(L)' KLSPSPSSRVTVS B,D
#
loop_
_chem_comp.id
_chem_comp.type
_chem_comp.name
_chem_comp.formula
NAG D-saccharide, beta linking 2-acetamido-2-deoxy-beta-D-glucopyranose 'C8 H15 N O6'
#
# COMPACT_ATOMS: atom_id res chain seq x y z
N HIS A 1 -2.81 23.24 30.45
CA HIS A 1 -3.32 21.93 29.88
C HIS A 1 -2.28 21.30 28.92
N PHE A 2 -1.60 20.25 29.37
CA PHE A 2 -0.66 19.47 28.55
C PHE A 2 -1.38 18.71 27.43
N LEU A 3 -0.81 18.82 26.23
CA LEU A 3 -1.41 18.30 25.01
C LEU A 3 -0.89 16.90 24.71
N CYS A 4 -1.75 15.90 24.58
CA CYS A 4 -1.31 14.56 24.24
C CYS A 4 -2.28 13.82 23.34
N GLY A 5 -1.82 13.36 22.19
CA GLY A 5 -2.77 12.82 21.21
C GLY A 5 -2.13 12.44 19.92
N VAL A 6 -2.90 12.50 18.85
CA VAL A 6 -2.41 12.15 17.52
C VAL A 6 -2.44 13.36 16.59
N VAL A 7 -1.43 13.49 15.74
CA VAL A 7 -1.45 14.43 14.62
C VAL A 7 -1.54 13.59 13.39
N GLU A 8 -2.63 13.72 12.64
CA GLU A 8 -2.75 13.10 11.31
C GLU A 8 -1.91 13.98 10.40
N GLY A 9 -0.61 13.71 10.33
CA GLY A 9 0.38 14.60 9.72
C GLY A 9 1.23 14.06 8.58
N PHE A 10 0.74 13.03 7.90
CA PHE A 10 1.56 12.22 6.98
C PHE A 10 1.22 12.37 5.51
N TYR A 11 2.20 12.04 4.69
CA TYR A 11 1.99 12.04 3.25
C TYR A 11 1.23 10.80 2.83
N GLY A 12 0.58 10.87 1.68
CA GLY A 12 -0.26 9.80 1.15
C GLY A 12 -1.72 10.03 1.46
N ARG A 13 -2.50 8.98 1.17
CA ARG A 13 -3.93 8.96 1.45
C ARG A 13 -4.20 9.43 2.87
N PRO A 14 -5.15 10.39 3.04
CA PRO A 14 -5.57 10.72 4.40
C PRO A 14 -6.65 9.79 4.92
N TRP A 15 -6.84 9.81 6.23
CA TRP A 15 -7.89 9.01 6.87
C TRP A 15 -9.26 9.59 6.56
N VAL A 16 -10.22 8.70 6.34
CA VAL A 16 -11.60 9.12 6.15
C VAL A 16 -12.26 9.55 7.46
N MET A 17 -13.39 10.23 7.35
CA MET A 17 -14.09 10.80 8.52
C MET A 17 -14.61 9.69 9.43
N GLU A 18 -15.10 8.59 8.83
CA GLU A 18 -15.54 7.46 9.65
C GLU A 18 -14.38 6.91 10.52
N GLN A 19 -13.14 6.99 10.03
CA GLN A 19 -11.94 6.58 10.80
C GLN A 19 -11.58 7.61 11.89
N ARG A 20 -11.47 8.87 11.48
CA ARG A 20 -11.20 9.96 12.43
C ARG A 20 -12.19 10.00 13.62
N LYS A 21 -13.45 9.62 13.37
CA LYS A 21 -14.43 9.55 14.45
C LYS A 21 -14.05 8.40 15.38
N GLU A 22 -13.64 7.26 14.81
CA GLU A 22 -13.14 6.13 15.62
C GLU A 22 -11.93 6.54 16.42
N LEU A 23 -11.08 7.36 15.81
CA LEU A 23 -9.88 7.83 16.53
C LEU A 23 -10.31 8.52 17.83
N PHE A 24 -11.34 9.35 17.72
CA PHE A 24 -11.79 10.14 18.86
C PHE A 24 -12.32 9.25 19.99
N ARG A 25 -13.04 8.17 19.67
CA ARG A 25 -13.52 7.21 20.70
C ARG A 25 -12.38 6.63 21.50
N ARG A 26 -11.31 6.28 20.79
CA ARG A 26 -10.16 5.62 21.39
C ARG A 26 -9.37 6.61 22.25
N LEU A 27 -9.06 7.78 21.68
CA LEU A 27 -8.33 8.80 22.43
C LEU A 27 -9.02 9.09 23.79
N GLN A 28 -10.34 9.19 23.79
CA GLN A 28 -11.12 9.40 25.02
C GLN A 28 -11.03 8.15 25.91
N LYS A 29 -11.23 6.98 25.31
CA LYS A 29 -11.12 5.71 26.03
C LYS A 29 -9.77 5.59 26.73
N TRP A 30 -8.69 6.05 26.08
CA TRP A 30 -7.33 6.01 26.70
C TRP A 30 -6.87 7.30 27.40
N GLU A 31 -7.81 8.24 27.61
CA GLU A 31 -7.63 9.47 28.38
C GLU A 31 -6.60 10.41 27.76
N LEU A 32 -6.51 10.36 26.42
CA LEU A 32 -5.76 11.34 25.63
C LEU A 32 -6.71 12.48 25.30
N ASN A 33 -6.17 13.57 24.80
CA ASN A 33 -6.97 14.79 24.67
C ASN A 33 -6.92 15.53 23.35
N THR A 34 -5.80 15.49 22.62
CA THR A 34 -5.67 16.33 21.41
C THR A 34 -5.79 15.56 20.10
N TYR A 35 -6.17 16.26 19.03
CA TYR A 35 -6.05 15.77 17.62
C TYR A 35 -5.64 16.94 16.75
N LEU A 36 -4.52 16.85 16.04
CA LEU A 36 -4.01 17.93 15.18
C LEU A 36 -4.22 17.57 13.73
N TYR A 37 -5.18 18.21 13.09
CA TYR A 37 -5.50 17.98 11.67
C TYR A 37 -4.42 18.59 10.73
N ALA A 38 -3.68 17.73 10.01
CA ALA A 38 -2.54 18.15 9.18
C ALA A 38 -2.10 17.16 8.10
N PRO A 39 -3.06 16.55 7.37
CA PRO A 39 -2.68 15.51 6.44
C PRO A 39 -2.16 16.15 5.17
N LYS A 40 -0.85 16.05 4.94
CA LYS A 40 -0.14 16.76 3.88
C LYS A 40 -0.81 16.74 2.50
N ASP A 41 -1.42 15.61 2.16
CA ASP A 41 -2.02 15.44 0.86
C ASP A 41 -3.55 15.38 0.85
N ASP A 42 -4.18 16.06 1.81
CA ASP A 42 -5.63 16.28 1.76
C ASP A 42 -5.75 17.63 1.09
N TYR A 43 -6.15 17.59 -0.17
CA TYR A 43 -6.48 18.75 -1.01
C TYR A 43 -6.18 20.12 -0.37
N LYS A 44 -7.10 20.61 0.46
CA LYS A 44 -7.15 22.02 0.88
C LYS A 44 -6.41 22.30 2.18
N HIS A 45 -5.72 21.31 2.70
CA HIS A 45 -4.82 21.52 3.80
C HIS A 45 -3.52 22.19 3.33
N ARG A 46 -3.12 21.98 2.07
CA ARG A 46 -1.79 22.43 1.63
C ARG A 46 -1.62 22.84 0.18
N MET A 47 -1.92 21.93 -0.74
CA MET A 47 -1.64 22.20 -2.14
C MET A 47 -2.56 23.32 -2.61
N PHE A 48 -3.87 23.05 -2.57
CA PHE A 48 -4.88 24.04 -2.90
C PHE A 48 -5.38 24.61 -1.59
N TRP A 49 -4.49 25.31 -0.88
CA TRP A 49 -4.77 25.76 0.49
C TRP A 49 -5.68 26.97 0.61
N ARG A 50 -5.53 27.94 -0.28
CA ARG A 50 -6.38 29.14 -0.35
C ARG A 50 -7.90 28.81 -0.56
N GLU A 51 -8.16 27.81 -1.38
CA GLU A 51 -9.51 27.37 -1.74
C GLU A 51 -10.35 26.98 -0.54
N MET A 52 -11.61 27.43 -0.53
CA MET A 52 -12.52 27.33 0.62
C MET A 52 -13.35 26.06 0.45
N TYR A 53 -13.75 25.44 1.56
CA TYR A 53 -14.45 24.14 1.50
C TYR A 53 -15.79 24.30 0.82
N SER A 54 -16.09 23.42 -0.12
CA SER A 54 -17.42 23.39 -0.69
C SER A 54 -18.41 23.16 0.45
N VAL A 55 -19.67 23.44 0.17
CA VAL A 55 -20.72 23.28 1.17
C VAL A 55 -20.89 21.80 1.62
N GLU A 56 -20.61 20.83 0.74
CA GLU A 56 -20.66 19.40 1.11
C GLU A 56 -19.50 18.96 2.03
N GLU A 57 -18.33 19.59 1.86
CA GLU A 57 -17.14 19.35 2.69
C GLU A 57 -17.21 20.09 4.02
N ALA A 58 -17.60 21.36 3.95
CA ALA A 58 -18.04 22.12 5.11
C ALA A 58 -19.04 21.35 6.02
N GLU A 59 -19.93 20.55 5.43
CA GLU A 59 -20.85 19.69 6.20
C GLU A 59 -20.12 18.56 6.94
N GLN A 60 -19.27 17.83 6.20
CA GLN A 60 -18.44 16.74 6.73
C GLN A 60 -17.45 17.17 7.85
N LEU A 61 -16.81 18.35 7.70
CA LEU A 61 -15.87 18.90 8.69
C LEU A 61 -16.51 19.39 9.98
N MET A 62 -17.67 20.02 9.84
CA MET A 62 -18.47 20.47 10.97
C MET A 62 -18.96 19.29 11.79
N THR A 63 -19.46 18.25 11.10
CA THR A 63 -19.79 16.95 11.73
C THR A 63 -18.60 16.29 12.45
N LEU A 64 -17.39 16.47 11.92
CA LEU A 64 -16.16 15.97 12.55
C LEU A 64 -15.83 16.76 13.81
N ILE A 65 -15.68 18.08 13.67
CA ILE A 65 -15.39 18.95 14.82
C ILE A 65 -16.39 18.76 15.98
N SER A 66 -17.64 18.47 15.64
CA SER A 66 -18.69 18.17 16.60
C SER A 66 -18.42 16.89 17.34
N ALA A 67 -18.20 15.81 16.59
CA ALA A 67 -17.77 14.52 17.14
C ALA A 67 -16.54 14.65 18.06
N ALA A 68 -15.60 15.55 17.72
CA ALA A 68 -14.45 15.81 18.60
C ALA A 68 -14.89 16.30 19.96
N ARG A 69 -15.82 17.26 19.94
CA ARG A 69 -16.43 17.85 21.15
C ARG A 69 -17.24 16.80 21.95
N GLU A 70 -17.99 15.98 21.23
CA GLU A 70 -18.78 14.89 21.81
C GLU A 70 -17.88 13.97 22.63
N TYR A 71 -16.66 13.74 22.13
CA TYR A 71 -15.71 12.83 22.80
C TYR A 71 -14.65 13.56 23.64
N GLU A 72 -14.83 14.86 23.90
CA GLU A 72 -13.91 15.65 24.72
C GLU A 72 -12.49 15.54 24.20
N ILE A 73 -12.35 15.63 22.87
CA ILE A 73 -11.05 15.73 22.22
C ILE A 73 -11.00 17.09 21.55
N GLU A 74 -9.97 17.86 21.92
CA GLU A 74 -9.65 19.14 21.29
C GLU A 74 -9.17 18.92 19.87
N PHE A 75 -9.70 19.73 18.95
CA PHE A 75 -9.46 19.58 17.53
C PHE A 75 -8.68 20.79 17.12
N ILE A 76 -7.47 20.60 16.58
CA ILE A 76 -6.63 21.71 16.20
C ILE A 76 -6.52 21.62 14.69
N TYR A 77 -7.14 22.58 13.98
CA TYR A 77 -7.10 22.62 12.52
C TYR A 77 -5.82 23.32 12.13
N ALA A 78 -4.93 22.61 11.45
CA ALA A 78 -3.69 23.20 10.93
C ALA A 78 -3.77 23.46 9.43
N ILE A 79 -3.05 24.48 8.99
CA ILE A 79 -2.92 24.81 7.58
C ILE A 79 -1.44 24.97 7.26
N SER A 80 -1.06 24.43 6.10
CA SER A 80 0.32 24.46 5.60
C SER A 80 0.25 25.26 4.31
N PRO A 81 0.56 26.57 4.36
CA PRO A 81 0.49 27.36 3.15
C PRO A 81 1.85 27.70 2.55
N GLY A 82 2.94 27.26 3.19
CA GLY A 82 4.27 27.77 2.90
C GLY A 82 4.90 27.44 1.56
N LEU A 83 4.30 26.55 0.77
CA LEU A 83 4.81 26.24 -0.58
C LEU A 83 4.97 27.47 -1.49
N ASP A 84 3.84 28.09 -1.85
CA ASP A 84 3.79 29.15 -2.86
C ASP A 84 3.11 30.43 -2.32
N ILE A 85 3.29 30.75 -1.04
CA ILE A 85 2.67 31.96 -0.48
C ILE A 85 3.61 33.13 -0.64
N THR A 86 3.06 34.24 -1.09
CA THR A 86 3.72 35.54 -1.03
C THR A 86 3.32 36.16 0.31
N PHE A 87 4.31 36.27 1.20
CA PHE A 87 4.09 36.70 2.59
C PHE A 87 3.65 38.15 2.75
N SER A 88 3.89 39.01 1.75
CA SER A 88 3.57 40.45 1.85
C SER A 88 2.27 40.89 1.14
N ASN A 89 1.89 40.20 0.06
CA ASN A 89 0.57 40.41 -0.62
C ASN A 89 -0.61 40.25 0.38
N PRO A 90 -1.38 41.35 0.65
CA PRO A 90 -2.54 41.23 1.52
C PRO A 90 -3.72 40.41 0.97
N LYS A 91 -3.76 40.13 -0.33
CA LYS A 91 -4.74 39.18 -0.89
C LYS A 91 -4.50 37.74 -0.38
N GLU A 92 -3.22 37.37 -0.30
CA GLU A 92 -2.79 36.09 0.30
C GLU A 92 -3.31 36.02 1.73
N VAL A 93 -2.86 36.99 2.53
CA VAL A 93 -3.21 37.07 3.93
C VAL A 93 -4.74 37.06 4.12
N SER A 94 -5.46 37.86 3.35
CA SER A 94 -6.92 37.93 3.46
C SER A 94 -7.61 36.64 2.98
N THR A 95 -6.97 35.86 2.11
CA THR A 95 -7.50 34.54 1.71
C THR A 95 -7.22 33.44 2.77
N LEU A 96 -6.18 33.65 3.58
CA LEU A 96 -5.89 32.79 4.73
C LEU A 96 -6.91 33.04 5.81
N LYS A 97 -7.05 34.31 6.23
CA LYS A 97 -7.99 34.74 7.26
C LYS A 97 -9.37 34.24 6.93
N ARG A 98 -9.76 34.43 5.68
CA ARG A 98 -11.06 34.00 5.19
C ARG A 98 -11.28 32.50 5.28
N LYS A 99 -10.22 31.73 5.07
CA LYS A 99 -10.29 30.26 5.24
C LYS A 99 -10.40 29.84 6.71
N LEU A 100 -9.47 30.32 7.52
CA LEU A 100 -9.50 30.02 8.92
C LEU A 100 -10.90 30.33 9.47
N ASP A 101 -11.42 31.52 9.19
CA ASP A 101 -12.83 31.88 9.50
C ASP A 101 -13.84 30.78 9.09
N GLN A 102 -13.67 30.26 7.88
CA GLN A 102 -14.59 29.23 7.38
C GLN A 102 -14.61 27.99 8.29
N VAL A 103 -13.45 27.69 8.85
CA VAL A 103 -13.27 26.56 9.73
C VAL A 103 -13.78 26.90 11.12
N SER A 104 -13.37 28.06 11.63
CA SER A 104 -13.91 28.69 12.85
C SER A 104 -15.45 28.59 12.98
N GLN A 105 -16.14 28.82 11.86
CA GLN A 105 -17.58 28.73 11.82
C GLN A 105 -18.11 27.30 11.71
N PHE A 106 -17.24 26.31 11.51
CA PHE A 106 -17.61 24.88 11.69
C PHE A 106 -17.58 24.41 13.17
N GLY A 107 -17.09 25.26 14.08
CA GLY A 107 -16.84 24.89 15.46
C GLY A 107 -15.44 25.32 15.86
N CYS A 108 -14.48 25.07 14.99
CA CYS A 108 -13.08 25.00 15.38
C CYS A 108 -12.64 26.15 16.27
N ARG A 109 -12.22 25.84 17.48
CA ARG A 109 -11.74 26.85 18.41
C ARG A 109 -10.22 26.94 18.46
N SER A 110 -9.50 25.93 17.95
CA SER A 110 -8.02 25.91 18.04
C SER A 110 -7.39 25.73 16.64
N PHE A 111 -6.20 26.30 16.42
CA PHE A 111 -5.60 26.29 15.07
C PHE A 111 -4.10 26.12 15.07
N ALA A 112 -3.55 25.87 13.87
CA ALA A 112 -2.10 25.77 13.69
C ALA A 112 -1.63 26.15 12.29
N LEU A 113 -0.46 26.80 12.24
CA LEU A 113 0.20 27.16 10.99
C LEU A 113 1.49 26.34 10.84
N LEU A 114 1.59 25.58 9.75
CA LEU A 114 2.73 24.67 9.57
C LEU A 114 3.64 25.13 8.42
N PHE A 115 4.89 25.45 8.77
CA PHE A 115 5.94 25.77 7.77
C PHE A 115 7.08 24.75 7.86
N ASP A 116 6.81 23.57 7.31
CA ASP A 116 7.75 22.45 7.35
C ASP A 116 7.98 21.93 5.95
N ASN A 117 9.25 21.63 5.66
CA ASN A 117 9.63 21.03 4.39
C ASN A 117 9.18 21.98 3.28
N ILE A 118 9.85 23.14 3.29
CA ILE A 118 9.65 24.22 2.32
C ILE A 118 10.99 24.89 2.07
N ASP A 119 11.13 25.38 0.83
CA ASP A 119 12.29 26.17 0.41
C ASP A 119 12.66 27.20 1.51
N HIS A 120 13.92 27.24 1.92
CA HIS A 120 14.40 28.26 2.88
C HIS A 120 14.41 29.71 2.33
N ASN A 121 14.23 29.90 1.02
CA ASN A 121 14.14 31.24 0.35
C ASN A 121 12.69 31.68 0.12
N MET A 122 12.53 32.93 -0.31
CA MET A 122 11.21 33.56 -0.58
C MET A 122 11.32 34.55 -1.73
N CYS A 123 10.19 34.86 -2.37
CA CYS A 123 10.19 35.72 -3.58
C CYS A 123 10.75 37.11 -3.29
N ALA A 124 11.01 37.89 -4.35
CA ALA A 124 11.72 39.18 -4.22
C ALA A 124 10.88 40.26 -3.50
N ALA A 125 9.57 40.25 -3.75
CA ALA A 125 8.61 41.10 -3.00
C ALA A 125 8.80 41.04 -1.46
N ASP A 126 8.92 39.83 -0.94
CA ASP A 126 9.11 39.58 0.51
C ASP A 126 10.55 39.84 0.98
N LYS A 127 11.54 39.69 0.07
CA LYS A 127 12.92 40.12 0.32
C LYS A 127 12.92 41.57 0.79
N GLU A 128 12.10 42.39 0.12
CA GLU A 128 11.91 43.80 0.48
C GLU A 128 11.38 43.96 1.91
N VAL A 129 10.26 43.30 2.21
CA VAL A 129 9.46 43.59 3.42
C VAL A 129 10.03 43.04 4.75
N PHE A 130 10.62 41.84 4.74
CA PHE A 130 11.12 41.18 5.97
C PHE A 130 12.61 40.92 5.81
N SER A 131 13.35 40.96 6.92
CA SER A 131 14.82 40.82 6.88
C SER A 131 15.34 39.39 6.62
N SER A 132 14.78 38.40 7.35
CA SER A 132 15.09 36.96 7.20
C SER A 132 13.80 36.15 6.98
N PHE A 133 13.98 34.86 6.66
CA PHE A 133 12.85 33.93 6.43
C PHE A 133 11.98 33.77 7.68
N ALA A 134 12.65 33.63 8.83
CA ALA A 134 11.97 33.58 10.12
C ALA A 134 10.94 34.71 10.25
N HIS A 135 11.42 35.95 10.16
CA HIS A 135 10.59 37.15 10.29
C HIS A 135 9.26 37.11 9.52
N ALA A 136 9.25 36.55 8.32
CA ALA A 136 8.00 36.48 7.52
C ALA A 136 6.98 35.47 8.04
N GLN A 137 7.46 34.38 8.59
CA GLN A 137 6.56 33.40 9.21
C GLN A 137 6.04 33.98 10.51
N VAL A 138 6.96 34.43 11.37
CA VAL A 138 6.58 35.06 12.65
C VAL A 138 5.49 36.14 12.45
N SER A 139 5.68 37.01 11.44
CA SER A 139 4.74 38.10 11.20
C SER A 139 3.35 37.63 10.79
N ILE A 140 3.25 36.87 9.71
CA ILE A 140 1.93 36.36 9.30
C ILE A 140 1.28 35.44 10.36
N THR A 141 2.10 34.74 11.14
CA THR A 141 1.63 33.88 12.23
C THR A 141 1.01 34.76 13.32
N ASN A 142 1.81 35.67 13.86
CA ASN A 142 1.38 36.54 14.97
C ASN A 142 0.09 37.33 14.65
N GLU A 143 -0.07 37.74 13.39
CA GLU A 143 -1.27 38.43 12.94
C GLU A 143 -2.49 37.54 12.94
N ILE A 144 -2.35 36.38 12.32
CA ILE A 144 -3.43 35.39 12.27
C ILE A 144 -3.83 34.95 13.69
N TYR A 145 -2.87 34.94 14.63
CA TYR A 145 -3.19 34.69 16.03
C TYR A 145 -4.18 35.74 16.51
N GLN A 146 -3.78 37.02 16.44
CA GLN A 146 -4.62 38.14 16.93
C GLN A 146 -5.92 38.25 16.15
N TYR A 147 -5.87 38.12 14.83
CA TYR A 147 -7.08 38.14 14.01
C TYR A 147 -8.18 37.19 14.52
N LEU A 148 -7.81 35.95 14.81
CA LEU A 148 -8.77 34.95 15.33
C LEU A 148 -9.20 35.19 16.78
N GLY A 149 -8.37 35.92 17.52
CA GLY A 149 -8.71 36.44 18.85
C GLY A 149 -7.90 35.89 20.00
N GLU A 150 -6.69 35.42 19.70
CA GLU A 150 -5.85 34.69 20.66
C GLU A 150 -6.62 33.51 21.25
N PRO A 151 -6.81 32.43 20.46
CA PRO A 151 -7.48 31.23 21.01
C PRO A 151 -6.54 30.47 21.96
N GLU A 152 -7.11 29.62 22.81
CA GLU A 152 -6.32 28.97 23.89
C GLU A 152 -5.14 28.15 23.32
N THR A 153 -5.39 27.35 22.27
CA THR A 153 -4.29 26.66 21.55
C THR A 153 -4.11 27.16 20.14
N PHE A 154 -2.88 27.56 19.87
CA PHE A 154 -2.47 27.91 18.55
C PHE A 154 -1.03 27.45 18.37
N LEU A 155 -0.79 26.61 17.36
CA LEU A 155 0.51 25.96 17.16
C LEU A 155 1.19 26.43 15.88
N PHE A 156 2.52 26.55 15.95
CA PHE A 156 3.37 26.91 14.82
C PHE A 156 4.51 25.90 14.64
N CYS A 157 4.58 25.27 13.47
CA CYS A 157 5.67 24.36 13.16
C CYS A 157 6.77 25.04 12.36
N PRO A 158 7.95 25.25 12.99
CA PRO A 158 9.06 25.92 12.30
C PRO A 158 9.61 25.16 11.10
N THR A 159 10.45 25.81 10.30
CA THR A 159 11.15 25.19 9.19
C THR A 159 12.36 24.43 9.72
N GLU A 160 12.96 24.94 10.79
CA GLU A 160 14.03 24.24 11.46
C GLU A 160 13.34 23.60 12.66
N TYR A 161 12.59 22.53 12.35
CA TYR A 161 11.77 21.77 13.31
C TYR A 161 12.46 20.56 13.96
N CYS A 162 13.76 20.34 13.69
CA CYS A 162 14.57 19.38 14.47
C CYS A 162 16.07 19.69 14.44
N GLY A 163 16.82 19.05 15.34
CA GLY A 163 18.23 19.36 15.59
C GLY A 163 19.16 19.35 14.37
N THR A 164 19.04 18.32 13.56
CA THR A 164 19.76 18.21 12.27
C THR A 164 19.38 19.33 11.28
N PHE A 165 18.12 19.75 11.32
CA PHE A 165 17.59 20.79 10.43
C PHE A 165 17.95 22.25 10.84
N CYS A 166 18.55 22.45 12.02
CA CYS A 166 19.03 23.78 12.44
C CYS A 166 20.41 24.13 11.86
N TYR A 167 20.55 25.36 11.34
CA TYR A 167 21.83 25.85 10.75
C TYR A 167 22.33 27.09 11.53
N PRO A 168 23.58 27.10 12.01
CA PRO A 168 24.56 26.00 11.94
C PRO A 168 24.30 24.83 12.91
N ASN A 169 23.69 25.13 14.06
CA ASN A 169 23.35 24.11 15.04
C ASN A 169 22.14 24.60 15.84
N VAL A 170 21.68 23.80 16.80
CA VAL A 170 20.42 24.09 17.48
C VAL A 170 20.45 25.47 18.15
N SER A 171 21.45 25.71 19.00
CA SER A 171 21.46 26.87 19.90
C SER A 171 21.72 28.22 19.24
N GLN A 172 22.66 28.28 18.31
CA GLN A 172 23.09 29.56 17.71
C GLN A 172 22.44 29.78 16.34
N SER A 173 21.15 29.52 16.22
CA SER A 173 20.50 29.57 14.92
C SER A 173 19.84 30.92 14.75
N PRO A 174 20.28 31.71 13.75
CA PRO A 174 19.49 32.87 13.33
C PRO A 174 17.98 32.62 13.36
N TYR A 175 17.54 31.59 12.63
CA TYR A 175 16.13 31.30 12.42
C TYR A 175 15.40 31.04 13.73
N LEU A 176 15.99 30.22 14.60
CA LEU A 176 15.33 29.86 15.84
C LEU A 176 15.36 30.99 16.89
N ARG A 177 16.40 31.84 16.84
CA ARG A 177 16.46 33.02 17.72
C ARG A 177 15.36 34.01 17.37
N THR A 178 15.15 34.22 16.06
CA THR A 178 14.07 35.10 15.60
C THR A 178 12.66 34.62 15.98
N VAL A 179 12.42 33.31 15.93
CA VAL A 179 11.16 32.71 16.37
C VAL A 179 11.00 32.89 17.88
N GLY A 180 12.01 32.45 18.63
CA GLY A 180 12.01 32.55 20.08
C GLY A 180 11.62 33.94 20.59
N GLU A 181 12.34 34.95 20.08
CA GLU A 181 12.22 36.32 20.58
C GLU A 181 10.92 37.02 20.16
N LYS A 182 10.51 36.84 18.90
CA LYS A 182 9.46 37.65 18.30
C LYS A 182 8.10 36.95 18.08
N LEU A 183 8.05 35.65 18.34
CA LEU A 183 6.79 34.92 18.24
C LEU A 183 6.04 35.11 19.56
N LEU A 184 4.77 35.46 19.46
CA LEU A 184 4.02 35.89 20.62
C LEU A 184 4.04 34.82 21.70
N PRO A 185 4.32 35.20 22.96
CA PRO A 185 4.49 34.19 24.02
C PRO A 185 3.27 33.23 24.21
N GLY A 186 2.09 33.60 23.70
CA GLY A 186 0.92 32.74 23.70
C GLY A 186 0.89 31.53 22.77
N ILE A 187 1.49 31.61 21.58
CA ILE A 187 1.41 30.47 20.64
C ILE A 187 2.49 29.45 20.96
N GLU A 188 2.36 28.25 20.37
CA GLU A 188 3.23 27.10 20.70
C GLU A 188 4.07 26.63 19.52
N VAL A 189 5.24 26.07 19.85
CA VAL A 189 6.22 25.66 18.86
C VAL A 189 6.39 24.13 18.83
N LEU A 190 6.15 23.54 17.65
CA LEU A 190 6.27 22.08 17.39
C LEU A 190 7.71 21.67 17.12
N TRP A 191 8.07 20.45 17.50
CA TRP A 191 9.47 20.00 17.46
C TRP A 191 9.61 18.46 17.49
N THR A 192 10.21 17.87 16.45
CA THR A 192 10.32 16.37 16.34
C THR A 192 11.52 15.69 17.01
N GLY A 193 12.47 16.49 17.48
CA GLY A 193 13.57 16.05 18.37
C GLY A 193 14.95 16.26 17.78
N PRO A 194 15.90 15.33 18.06
CA PRO A 194 17.21 15.36 17.45
C PRO A 194 17.14 15.31 15.96
N LYS A 195 16.35 14.37 15.45
CA LYS A 195 16.21 14.09 14.01
C LYS A 195 14.73 14.10 13.72
N VAL A 196 14.39 13.93 12.44
CA VAL A 196 13.00 13.94 12.00
C VAL A 196 12.23 12.76 12.64
N VAL A 197 12.84 11.58 12.59
CA VAL A 197 12.37 10.42 13.29
C VAL A 197 13.40 10.13 14.38
N SER A 198 13.20 10.76 15.53
CA SER A 198 14.17 10.66 16.63
C SER A 198 14.13 9.27 17.28
N LYS A 199 15.25 8.54 17.24
CA LYS A 199 15.37 7.26 17.99
C LYS A 199 15.21 7.51 19.47
N GLU A 200 15.77 8.63 19.93
CA GLU A 200 15.71 9.09 21.32
C GLU A 200 15.40 10.55 21.35
N ILE A 201 14.60 11.01 22.31
CA ILE A 201 14.45 12.45 22.56
C ILE A 201 15.00 12.72 23.97
N PRO A 202 16.32 12.94 24.08
CA PRO A 202 16.91 13.11 25.42
C PRO A 202 16.63 14.50 26.03
N VAL A 203 16.64 14.56 27.36
CA VAL A 203 16.24 15.75 28.16
C VAL A 203 17.09 16.98 27.88
N GLU A 204 18.42 16.82 27.97
CA GLU A 204 19.39 17.84 27.56
C GLU A 204 18.93 18.55 26.29
N SER A 205 18.60 17.77 25.26
CA SER A 205 18.31 18.32 23.95
C SER A 205 17.08 19.21 23.98
N ILE A 206 16.10 18.84 24.80
CA ILE A 206 14.85 19.63 24.91
C ILE A 206 15.05 20.95 25.66
N GLU A 207 16.06 20.95 26.54
CA GLU A 207 16.52 22.18 27.19
C GLU A 207 17.34 23.02 26.19
N GLU A 208 18.24 22.40 25.46
CA GLU A 208 18.99 23.08 24.40
C GLU A 208 18.08 23.79 23.40
N VAL A 209 16.91 23.24 23.12
CA VAL A 209 15.97 23.89 22.19
C VAL A 209 15.01 24.84 22.90
N SER A 210 14.61 24.51 24.13
CA SER A 210 13.68 25.36 24.91
C SER A 210 14.24 26.78 25.17
N LYS A 211 15.55 26.87 25.43
CA LYS A 211 16.24 28.17 25.53
C LYS A 211 16.08 28.98 24.25
N ILE A 212 16.69 28.51 23.16
CA ILE A 212 16.67 29.27 21.91
C ILE A 212 15.27 29.71 21.44
N ILE A 213 14.21 28.99 21.83
CA ILE A 213 12.83 29.39 21.42
C ILE A 213 11.98 30.01 22.54
N LYS A 214 12.63 30.27 23.69
CA LYS A 214 12.02 30.92 24.86
C LYS A 214 10.82 30.18 25.49
N ARG A 215 10.66 28.89 25.21
CA ARG A 215 9.48 28.12 25.65
C ARG A 215 9.63 26.59 25.54
N ALA A 216 8.80 25.89 26.31
CA ALA A 216 8.73 24.44 26.25
C ALA A 216 7.96 24.06 24.97
N PRO A 217 8.52 23.10 24.19
CA PRO A 217 7.93 22.73 22.91
C PRO A 217 6.84 21.67 23.02
N VAL A 218 6.14 21.45 21.90
CA VAL A 218 5.18 20.37 21.71
C VAL A 218 5.77 19.42 20.70
N ILE A 219 5.95 18.17 21.11
CA ILE A 219 6.62 17.17 20.26
C ILE A 219 5.66 16.65 19.22
N TRP A 220 6.03 16.85 17.98
CA TRP A 220 5.46 16.15 16.87
C TRP A 220 6.40 14.95 16.82
N ASP A 221 5.91 13.79 17.23
CA ASP A 221 6.72 12.56 17.25
C ASP A 221 6.49 11.70 15.97
N ASN A 222 7.53 11.43 15.20
CA ASN A 222 7.45 10.52 14.04
C ASN A 222 7.97 9.07 14.31
N ILE A 223 8.10 8.71 15.57
CA ILE A 223 8.50 7.36 15.92
C ILE A 223 7.69 6.32 15.13
N HIS A 224 6.36 6.36 15.13
CA HIS A 224 5.57 5.33 14.39
C HIS A 224 5.18 5.69 12.94
N ALA A 225 5.78 6.75 12.41
CA ALA A 225 5.49 7.21 11.06
C ALA A 225 6.01 6.22 10.04
N ASN A 226 5.22 6.07 8.99
CA ASN A 226 5.31 4.98 8.00
C ASN A 226 5.47 5.54 6.59
N ASP A 227 4.95 6.73 6.30
CA ASP A 227 4.90 7.27 4.93
C ASP A 227 6.17 7.22 4.05
N TYR A 228 7.33 7.13 4.70
CA TYR A 228 8.64 7.17 4.02
C TYR A 228 9.19 5.88 3.44
N ASP A 229 8.51 4.76 3.66
CA ASP A 229 8.97 3.45 3.20
C ASP A 229 7.80 2.46 3.01
N GLN A 230 7.64 2.09 1.75
CA GLN A 230 6.48 1.34 1.29
C GLN A 230 6.40 -0.05 1.95
N LYS A 231 7.52 -0.58 2.42
CA LYS A 231 7.53 -1.91 3.03
C LYS A 231 7.55 -1.90 4.55
N ARG A 232 7.60 -0.74 5.18
CA ARG A 232 7.70 -0.63 6.64
C ARG A 232 6.39 -0.25 7.31
N LEU A 233 6.10 -0.93 8.42
CA LEU A 233 4.96 -0.71 9.33
C LEU A 233 5.55 -0.68 10.75
N PHE A 234 5.00 0.09 11.68
CA PHE A 234 5.60 0.15 13.03
C PHE A 234 4.56 -0.12 14.09
N LEU A 235 4.60 -1.33 14.67
CA LEU A 235 3.65 -1.76 15.71
C LEU A 235 4.28 -1.98 17.11
N GLY A 236 5.51 -1.50 17.32
CA GLY A 236 6.18 -1.62 18.62
C GLY A 236 5.81 -0.50 19.57
N PRO A 237 6.19 -0.61 20.85
CA PRO A 237 5.77 0.32 21.88
C PRO A 237 6.39 1.70 21.70
N TYR A 238 5.72 2.74 22.23
CA TYR A 238 6.27 4.09 22.28
C TYR A 238 7.55 3.94 23.05
N LYS A 239 8.66 4.42 22.50
CA LYS A 239 9.99 4.21 23.12
C LYS A 239 11.09 5.25 22.78
N GLY A 240 11.97 5.48 23.75
CA GLY A 240 13.12 6.39 23.60
C GLY A 240 12.92 7.82 24.11
N ARG A 241 11.78 8.04 24.77
CA ARG A 241 11.42 9.32 25.33
C ARG A 241 11.20 9.13 26.79
N SER A 242 12.07 9.73 27.59
CA SER A 242 12.05 9.57 29.04
C SER A 242 10.78 10.18 29.56
N THR A 243 10.23 9.54 30.58
CA THR A 243 9.05 10.10 31.23
C THR A 243 9.36 11.45 31.90
N GLU A 244 10.63 11.70 32.23
CA GLU A 244 11.15 13.01 32.67
C GLU A 244 10.89 14.18 31.71
N LEU A 245 10.71 13.87 30.43
CA LEU A 245 10.38 14.90 29.44
C LEU A 245 9.05 15.62 29.67
N ILE A 246 8.15 15.05 30.46
CA ILE A 246 6.79 15.59 30.58
C ILE A 246 6.74 16.95 31.27
N PRO A 247 7.41 17.10 32.43
CA PRO A 247 7.69 18.43 33.02
C PRO A 247 8.34 19.50 32.13
N ARG A 248 9.08 19.11 31.10
CA ARG A 248 9.74 20.05 30.21
C ARG A 248 9.07 20.23 28.83
N LEU A 249 7.81 19.82 28.67
CA LEU A 249 7.12 19.79 27.35
C LEU A 249 5.69 20.25 27.50
N LYS A 250 5.16 20.92 26.50
CA LYS A 250 3.72 21.29 26.51
C LYS A 250 2.83 20.15 25.90
N GLY A 251 3.45 19.27 25.11
CA GLY A 251 2.74 18.11 24.63
C GLY A 251 3.55 17.06 23.90
N VAL A 252 2.84 15.99 23.52
CA VAL A 252 3.31 15.02 22.57
C VAL A 252 2.15 14.66 21.68
N LEU A 253 2.32 14.89 20.37
CA LEU A 253 1.36 14.52 19.35
C LEU A 253 2.04 13.53 18.40
N THR A 254 1.62 12.26 18.39
CA THR A 254 2.30 11.22 17.60
C THR A 254 1.71 11.18 16.20
N ASN A 255 2.59 11.29 15.21
CA ASN A 255 2.28 11.16 13.77
C ASN A 255 2.52 9.69 13.44
N PRO A 256 1.45 8.89 13.28
CA PRO A 256 1.65 7.45 13.26
C PRO A 256 1.52 6.82 11.85
N ASN A 257 1.37 5.49 11.82
CA ASN A 257 1.30 4.77 10.54
C ASN A 257 0.14 5.26 9.69
N CYS A 258 0.31 5.30 8.37
CA CYS A 258 -0.76 5.67 7.45
C CYS A 258 -1.97 4.76 7.54
N GLU A 259 -1.73 3.48 7.74
CA GLU A 259 -2.81 2.53 7.81
C GLU A 259 -3.49 2.72 9.16
N PHE A 260 -4.73 3.16 9.14
CA PHE A 260 -5.43 3.50 10.39
C PHE A 260 -5.39 2.38 11.43
N GLU A 261 -5.95 1.24 11.06
CA GLU A 261 -6.10 0.12 12.03
C GLU A 261 -4.77 -0.39 12.59
N ALA A 262 -3.65 -0.07 11.90
CA ALA A 262 -2.31 -0.44 12.37
C ALA A 262 -1.73 0.38 13.55
N ASN A 263 -2.48 1.39 14.04
CA ASN A 263 -1.99 2.29 15.10
C ASN A 263 -2.50 2.03 16.52
N TYR A 264 -2.96 0.81 16.80
CA TYR A 264 -3.54 0.50 18.10
C TYR A 264 -2.43 0.46 19.17
N VAL A 265 -1.29 -0.16 18.87
CA VAL A 265 -0.15 -0.14 19.82
C VAL A 265 0.48 1.26 19.96
N ALA A 266 0.73 1.93 18.84
CA ALA A 266 1.42 3.22 18.86
C ALA A 266 0.75 4.23 19.76
N ILE A 267 -0.58 4.24 19.77
CA ILE A 267 -1.38 5.20 20.55
C ILE A 267 -1.76 4.66 21.93
N HIS A 268 -2.18 3.41 22.01
CA HIS A 268 -2.42 2.78 23.32
C HIS A 268 -1.22 3.01 24.22
N THR A 269 -0.01 2.80 23.71
CA THR A 269 1.17 2.90 24.54
C THR A 269 1.54 4.36 24.85
N LEU A 270 1.39 5.25 23.87
CA LEU A 270 1.56 6.68 24.15
C LEU A 270 0.73 7.12 25.36
N ALA A 271 -0.51 6.65 25.42
CA ALA A 271 -1.38 6.96 26.53
C ALA A 271 -0.93 6.28 27.82
N THR A 272 -0.42 5.03 27.73
CA THR A 272 0.21 4.41 28.87
C THR A 272 1.31 5.32 29.34
N TRP A 273 2.24 5.69 28.46
CA TRP A 273 3.39 6.56 28.81
C TRP A 273 2.95 7.90 29.39
N TYR A 274 1.84 8.45 28.92
CA TYR A 274 1.29 9.65 29.54
C TYR A 274 0.91 9.52 31.04
N LYS A 275 0.98 8.33 31.65
CA LYS A 275 0.61 8.14 33.10
C LYS A 275 1.63 7.36 34.02
N TYR A 316 7.47 3.75 33.51
CA TYR A 316 7.18 3.27 32.13
C TYR A 316 8.20 2.31 31.56
N SER A 317 7.74 1.11 31.18
CA SER A 317 8.57 0.13 30.51
C SER A 317 7.93 -0.15 29.15
N PRO A 318 8.64 0.12 28.06
CA PRO A 318 7.95 -0.15 26.81
C PRO A 318 7.62 -1.64 26.57
N GLN A 319 8.33 -2.57 27.22
CA GLN A 319 8.09 -4.02 27.02
C GLN A 319 6.76 -4.41 27.71
N MET A 320 6.57 -3.92 28.92
CA MET A 320 5.31 -4.04 29.66
C MET A 320 4.13 -3.38 28.92
N ALA A 321 4.40 -2.20 28.37
CA ALA A 321 3.36 -1.36 27.77
C ALA A 321 2.75 -1.95 26.49
N LEU A 322 3.60 -2.67 25.74
CA LEU A 322 3.22 -3.48 24.57
C LEU A 322 2.29 -4.60 24.94
N LYS A 323 2.72 -5.43 25.89
CA LYS A 323 1.91 -6.54 26.40
C LYS A 323 0.52 -6.03 26.77
N LEU A 324 0.48 -4.93 27.53
CA LEU A 324 -0.79 -4.28 27.88
C LEU A 324 -1.61 -3.98 26.63
N ALA A 325 -0.95 -3.42 25.62
CA ALA A 325 -1.58 -3.06 24.36
C ALA A 325 -1.97 -4.27 23.45
N LEU A 326 -1.03 -5.17 23.18
CA LEU A 326 -1.33 -6.40 22.44
C LEU A 326 -2.48 -7.21 23.08
N THR A 327 -2.42 -7.42 24.40
CA THR A 327 -3.47 -8.14 25.13
C THR A 327 -4.83 -7.49 24.84
N GLU A 328 -4.92 -6.17 24.91
CA GLU A 328 -6.21 -5.47 24.73
C GLU A 328 -6.65 -5.46 23.27
N TRP A 329 -5.69 -5.38 22.34
CA TRP A 329 -5.97 -5.32 20.89
C TRP A 329 -6.60 -6.62 20.43
N LEU A 330 -6.05 -7.73 20.94
CA LEU A 330 -6.50 -9.09 20.64
C LEU A 330 -8.01 -9.28 20.66
N GLN A 331 -8.70 -8.65 21.60
CA GLN A 331 -10.16 -8.68 21.62
C GLN A 331 -10.83 -8.08 20.37
N GLU A 332 -10.17 -7.16 19.67
CA GLU A 332 -10.74 -6.57 18.45
C GLU A 332 -10.73 -7.49 17.26
N PHE A 333 -10.12 -8.67 17.38
CA PHE A 333 -9.94 -9.53 16.23
C PHE A 333 -11.17 -10.38 15.94
N GLY A 334 -11.43 -11.36 16.80
CA GLY A 334 -12.62 -12.19 16.68
C GLY A 334 -12.59 -13.10 15.48
N VAL A 335 -13.62 -13.88 15.30
CA VAL A 335 -13.70 -14.72 14.14
C VAL A 335 -15.17 -14.64 13.69
N PRO A 336 -15.43 -14.59 12.36
CA PRO A 336 -16.80 -14.31 11.95
C PRO A 336 -17.82 -15.28 12.53
N HIS A 337 -18.99 -14.76 12.86
CA HIS A 337 -20.15 -15.57 13.26
C HIS A 337 -20.60 -16.55 12.13
N GLN A 338 -21.05 -17.72 12.53
CA GLN A 338 -21.28 -18.82 11.63
C GLN A 338 -22.56 -19.55 12.00
N TYR A 339 -23.45 -19.73 11.01
CA TYR A 339 -24.72 -20.44 11.21
C TYR A 339 -24.65 -21.72 10.38
N SER A 340 -23.53 -22.43 10.49
CA SER A 340 -23.18 -23.54 9.61
C SER A 340 -21.86 -24.23 10.08
N SER A 341 -21.30 -25.12 9.25
CA SER A 341 -20.07 -25.89 9.56
C SER A 341 -19.67 -26.79 8.37
N GLY A 351 -7.81 -20.11 11.88
CA GLY A 351 -7.94 -20.79 13.16
C GLY A 351 -7.97 -19.90 14.40
N SER A 352 -8.44 -18.65 14.26
CA SER A 352 -8.53 -17.65 15.38
C SER A 352 -7.18 -17.14 15.99
N VAL A 353 -6.96 -15.82 15.89
CA VAL A 353 -5.68 -15.19 16.15
C VAL A 353 -5.39 -15.15 17.62
N THR A 354 -4.16 -15.47 17.98
CA THR A 354 -3.74 -15.57 19.37
C THR A 354 -2.89 -14.38 19.78
N LEU A 355 -2.69 -14.22 21.09
CA LEU A 355 -1.66 -13.31 21.62
C LEU A 355 -0.24 -13.62 21.17
N GLU A 356 0.09 -14.90 20.96
CA GLU A 356 1.45 -15.25 20.52
C GLU A 356 1.61 -14.82 19.08
N ASP A 357 0.50 -14.85 18.32
CA ASP A 357 0.48 -14.32 16.96
C ASP A 357 0.76 -12.84 16.89
N LEU A 358 0.09 -12.05 17.74
CA LEU A 358 0.21 -10.60 17.69
C LEU A 358 1.59 -10.17 18.13
N GLN A 359 2.17 -10.90 19.08
CA GLN A 359 3.55 -10.66 19.59
C GLN A 359 4.57 -10.87 18.48
N LEU A 360 4.32 -11.85 17.63
CA LEU A 360 5.17 -12.08 16.45
C LEU A 360 4.94 -11.00 15.35
N LEU A 361 3.70 -10.56 15.20
CA LEU A 361 3.40 -9.57 14.17
C LEU A 361 4.14 -8.31 14.54
N ALA A 362 3.99 -7.92 15.81
CA ALA A 362 4.66 -6.70 16.31
C ALA A 362 6.17 -6.82 16.20
N ASP A 363 6.71 -8.00 16.54
CA ASP A 363 8.18 -8.17 16.58
C ASP A 363 8.80 -8.10 15.19
N LEU A 364 8.04 -8.41 14.15
CA LEU A 364 8.49 -8.35 12.75
C LEU A 364 8.30 -6.96 12.12
N PHE A 365 7.35 -6.18 12.66
CA PHE A 365 7.11 -4.79 12.27
C PHE A 365 7.14 -3.93 13.54
N TYR A 366 8.34 -3.72 14.09
CA TYR A 366 8.52 -3.15 15.46
C TYR A 366 8.74 -1.62 15.46
N LEU A 367 10.00 -1.16 15.47
CA LEU A 367 10.28 0.27 15.50
C LEU A 367 11.29 0.66 14.41
N PRO A 368 11.44 1.97 14.14
CA PRO A 368 12.29 2.40 13.07
C PRO A 368 13.72 2.00 13.20
N TYR A 369 14.24 1.94 14.44
CA TYR A 369 15.68 1.70 14.63
C TYR A 369 15.93 0.36 15.27
N GLU A 370 14.93 -0.51 15.26
CA GLU A 370 14.99 -1.71 16.10
C GLU A 370 13.97 -2.71 15.68
N HIS A 371 14.42 -3.94 15.46
CA HIS A 371 13.53 -5.06 15.27
C HIS A 371 13.10 -5.60 16.61
N GLY A 372 11.96 -6.28 16.65
CA GLY A 372 11.44 -6.90 17.90
C GLY A 372 12.23 -8.17 18.17
N PRO A 373 12.11 -8.75 19.38
CA PRO A 373 13.01 -9.88 19.67
C PRO A 373 12.85 -11.07 18.72
N LYS A 374 11.63 -11.54 18.50
CA LYS A 374 11.44 -12.67 17.60
C LYS A 374 11.92 -12.36 16.19
N GLY A 375 11.84 -11.11 15.76
CA GLY A 375 12.38 -10.73 14.47
C GLY A 375 13.89 -10.85 14.48
N ALA A 376 14.50 -10.28 15.52
CA ALA A 376 15.96 -10.27 15.65
C ALA A 376 16.51 -11.67 15.68
N GLN A 377 15.91 -12.52 16.51
CA GLN A 377 16.29 -13.93 16.65
C GLN A 377 16.25 -14.68 15.31
N MET A 378 15.13 -14.63 14.59
CA MET A 378 15.04 -15.33 13.31
C MET A 378 16.17 -14.86 12.38
N LEU A 379 16.44 -13.56 12.40
CA LEU A 379 17.46 -12.99 11.52
C LEU A 379 18.89 -13.39 11.93
N ARG A 380 19.17 -13.45 13.23
CA ARG A 380 20.40 -14.09 13.75
C ARG A 380 20.50 -15.56 13.29
N GLU A 381 19.53 -16.39 13.68
CA GLU A 381 19.49 -17.82 13.28
C GLU A 381 19.62 -18.07 11.78
N PHE A 382 19.03 -17.23 10.94
CA PHE A 382 19.22 -17.40 9.52
C PHE A 382 20.65 -17.00 9.07
N GLN A 383 21.27 -16.04 9.77
CA GLN A 383 22.66 -15.62 9.47
C GLN A 383 23.65 -16.70 9.87
N TRP A 384 23.42 -17.34 11.00
CA TRP A 384 24.23 -18.48 11.41
C TRP A 384 24.07 -19.70 10.48
N LEU A 385 22.84 -20.03 10.08
CA LEU A 385 22.58 -21.19 9.16
C LEU A 385 23.20 -21.00 7.76
N ARG A 386 23.07 -19.80 7.20
CA ARG A 386 23.67 -19.47 5.91
C ARG A 386 25.20 -19.56 5.95
N ALA A 387 25.80 -18.93 6.94
CA ALA A 387 27.26 -18.90 7.10
C ALA A 387 27.88 -20.25 7.50
N ASN A 388 27.08 -21.17 8.04
CA ASN A 388 27.55 -22.54 8.34
C ASN A 388 26.94 -23.60 7.42
N SER A 389 26.51 -23.19 6.23
CA SER A 389 25.97 -24.12 5.25
C SER A 389 27.05 -25.05 4.65
N SER A 390 28.31 -24.60 4.73
CA SER A 390 29.48 -25.40 4.33
C SER A 390 29.76 -26.67 5.17
N VAL A 391 29.01 -26.88 6.25
CA VAL A 391 29.11 -28.12 7.01
C VAL A 391 28.05 -29.13 6.52
N VAL A 392 27.68 -29.06 5.22
CA VAL A 392 26.84 -30.10 4.55
C VAL A 392 27.28 -30.25 3.07
N LYS A 403 31.40 -32.99 13.23
CA LYS A 403 30.11 -33.25 13.89
C LYS A 403 29.19 -32.02 13.84
N ILE A 404 28.03 -32.18 13.20
CA ILE A 404 27.10 -31.07 12.97
C ILE A 404 25.62 -31.48 13.06
N GLU A 405 25.23 -31.96 14.24
CA GLU A 405 23.82 -32.12 14.59
C GLU A 405 23.22 -30.76 14.96
N GLU A 406 24.09 -29.80 15.29
CA GLU A 406 23.65 -28.47 15.75
C GLU A 406 22.94 -27.68 14.65
N TRP A 407 23.53 -27.65 13.47
CA TRP A 407 22.91 -27.04 12.30
C TRP A 407 21.53 -27.62 12.01
N ARG A 408 21.36 -28.94 12.16
CA ARG A 408 20.08 -29.63 11.86
C ARG A 408 19.03 -29.40 12.92
N SER A 409 19.46 -29.33 14.18
CA SER A 409 18.54 -29.03 15.29
C SER A 409 18.10 -27.56 15.30
N ARG A 410 18.97 -26.67 14.79
CA ARG A 410 18.68 -25.23 14.62
C ARG A 410 18.00 -24.92 13.28
N ALA A 411 18.25 -25.73 12.27
CA ALA A 411 17.45 -25.72 11.05
C ALA A 411 16.00 -26.04 11.36
N ALA A 412 15.79 -27.15 12.06
CA ALA A 412 14.46 -27.56 12.49
C ALA A 412 13.70 -26.45 13.24
N LYS A 413 14.38 -25.85 14.23
CA LYS A 413 13.79 -24.80 15.08
C LYS A 413 13.44 -23.55 14.28
N PHE A 414 14.30 -23.16 13.34
CA PHE A 414 14.03 -22.03 12.42
C PHE A 414 12.92 -22.31 11.39
N GLU A 415 12.86 -23.53 10.87
CA GLU A 415 11.78 -23.93 9.97
C GLU A 415 10.49 -23.89 10.71
N GLU A 416 10.51 -24.18 12.00
CA GLU A 416 9.28 -24.07 12.81
C GLU A 416 8.95 -22.61 13.15
N MET A 417 9.99 -21.79 13.32
CA MET A 417 9.81 -20.34 13.51
C MET A 417 9.16 -19.76 12.25
N CYS A 418 9.65 -20.15 11.09
CA CYS A 418 9.05 -19.77 9.81
C CYS A 418 7.60 -20.16 9.71
N GLY A 419 7.31 -21.42 10.03
CA GLY A 419 5.93 -21.93 10.07
C GLY A 419 4.95 -21.06 10.84
N LEU A 420 5.36 -20.61 12.03
CA LEU A 420 4.55 -19.71 12.84
C LEU A 420 4.18 -18.36 12.15
N VAL A 421 5.06 -17.86 11.29
CA VAL A 421 4.77 -16.68 10.51
C VAL A 421 3.64 -17.00 9.54
N MET A 422 3.70 -18.16 8.87
CA MET A 422 2.63 -18.58 7.94
C MET A 422 1.31 -18.81 8.69
N GLY A 423 1.38 -19.48 9.84
CA GLY A 423 0.23 -19.65 10.73
C GLY A 423 -0.42 -18.35 11.13
N MET A 424 0.42 -17.36 11.41
CA MET A 424 -0.04 -16.01 11.78
C MET A 424 -0.89 -15.34 10.66
N PHE A 425 -0.42 -15.39 9.42
CA PHE A 425 -1.20 -14.94 8.28
C PHE A 425 -2.50 -15.74 8.00
N THR A 426 -2.43 -17.06 8.15
CA THR A 426 -3.61 -17.92 7.96
C THR A 426 -4.74 -17.45 8.89
N ARG A 427 -4.40 -17.31 10.17
CA ARG A 427 -5.33 -16.91 11.20
C ARG A 427 -5.78 -15.44 11.05
N LEU A 428 -4.85 -14.59 10.65
CA LEU A 428 -5.16 -13.20 10.46
C LEU A 428 -6.14 -13.07 9.31
N SER A 429 -5.96 -13.89 8.26
CA SER A 429 -6.90 -13.98 7.10
C SER A 429 -8.35 -14.45 7.41
N ASN A 430 -8.50 -15.34 8.38
CA ASN A 430 -9.82 -15.85 8.83
C ASN A 430 -10.54 -15.01 9.90
N CYS A 431 -10.06 -13.81 10.20
CA CYS A 431 -10.61 -13.01 11.33
C CYS A 431 -11.79 -12.17 10.90
N ALA A 432 -12.62 -11.81 11.86
CA ALA A 432 -13.83 -11.01 11.58
C ALA A 432 -13.53 -9.57 11.22
N ASN A 433 -12.58 -8.92 11.90
CA ASN A 433 -12.30 -7.52 11.64
C ASN A 433 -11.53 -7.35 10.32
N ARG A 434 -12.28 -7.12 9.25
CA ARG A 434 -11.72 -7.07 7.91
C ARG A 434 -11.03 -5.73 7.68
N THR A 435 -11.52 -4.69 8.35
CA THR A 435 -10.81 -3.40 8.38
C THR A 435 -9.34 -3.58 8.83
N ILE A 436 -9.17 -4.30 9.94
CA ILE A 436 -7.84 -4.61 10.44
C ILE A 436 -7.10 -5.44 9.44
N LEU A 437 -7.72 -6.45 8.86
CA LEU A 437 -7.00 -7.27 7.86
C LEU A 437 -6.61 -6.49 6.60
N TYR A 438 -7.48 -5.66 6.08
CA TYR A 438 -7.12 -5.01 4.84
C TYR A 438 -5.95 -4.05 5.05
N ASP A 439 -5.94 -3.33 6.18
CA ASP A 439 -4.93 -2.27 6.46
C ASP A 439 -3.51 -2.82 6.58
N MET A 440 -3.38 -4.06 7.06
CA MET A 440 -2.09 -4.75 7.20
C MET A 440 -1.78 -5.82 6.15
N TYR A 441 -2.69 -6.08 5.22
CA TYR A 441 -2.56 -7.22 4.32
C TYR A 441 -1.22 -7.26 3.56
N SER A 442 -0.94 -6.22 2.80
CA SER A 442 0.21 -6.27 1.91
C SER A 442 1.52 -6.38 2.73
N TYR A 443 1.47 -5.95 3.99
CA TYR A 443 2.60 -6.12 4.91
C TYR A 443 2.76 -7.55 5.40
N VAL A 444 1.68 -8.17 5.87
CA VAL A 444 1.79 -9.56 6.35
C VAL A 444 2.05 -10.53 5.19
N TRP A 445 1.43 -10.28 4.03
CA TRP A 445 1.73 -11.03 2.82
C TRP A 445 3.22 -11.07 2.53
N ASP A 446 3.84 -9.91 2.57
CA ASP A 446 5.23 -9.80 2.20
C ASP A 446 6.08 -10.62 3.14
N ILE A 447 5.82 -10.52 4.46
CA ILE A 447 6.68 -11.19 5.43
C ILE A 447 6.56 -12.69 5.33
N LYS A 448 5.35 -13.16 5.09
CA LYS A 448 5.12 -14.59 4.97
C LYS A 448 5.74 -15.16 3.69
N SER A 449 5.77 -14.37 2.61
CA SER A 449 6.33 -14.87 1.35
C SER A 449 7.87 -14.85 1.34
N ILE A 450 8.49 -13.84 1.95
CA ILE A 450 9.91 -13.85 2.13
C ILE A 450 10.29 -15.02 3.04
N MET A 451 9.55 -15.22 4.14
CA MET A 451 9.82 -16.37 5.00
C MET A 451 9.69 -17.73 4.31
N SER A 452 8.73 -17.91 3.39
CA SER A 452 8.62 -19.16 2.57
C SER A 452 9.84 -19.38 1.70
N MET A 453 10.26 -18.32 1.03
CA MET A 453 11.47 -18.33 0.22
C MET A 453 12.67 -18.65 1.12
N VAL A 454 12.77 -18.03 2.30
CA VAL A 454 13.82 -18.35 3.25
C VAL A 454 13.72 -19.76 3.82
N LYS A 455 12.51 -20.27 4.04
CA LYS A 455 12.31 -21.67 4.51
C LYS A 455 12.80 -22.68 3.47
N SER A 456 12.30 -22.57 2.25
CA SER A 456 12.89 -23.23 1.11
C SER A 456 14.42 -23.19 1.16
N PHE A 457 14.99 -22.02 0.92
CA PHE A 457 16.45 -21.85 0.83
C PHE A 457 17.25 -22.55 1.93
N VAL A 458 16.79 -22.50 3.17
CA VAL A 458 17.45 -23.24 4.27
C VAL A 458 17.38 -24.77 4.05
N GLN A 459 16.24 -25.28 3.59
CA GLN A 459 16.15 -26.71 3.22
C GLN A 459 17.05 -27.12 2.03
N TRP A 460 17.14 -26.26 1.03
CA TRP A 460 18.08 -26.42 -0.10
C TRP A 460 19.56 -26.27 0.35
N LEU A 461 19.85 -26.34 1.65
CA LEU A 461 21.17 -26.69 2.15
C LEU A 461 21.00 -28.00 2.98
N GLY A 462 20.72 -29.11 2.30
CA GLY A 462 20.38 -30.39 2.95
C GLY A 462 19.19 -31.04 2.27
N TRP A 479 11.68 -13.71 -8.30
CA TRP A 479 12.52 -12.76 -7.58
C TRP A 479 13.62 -12.18 -8.49
N ALA A 480 13.45 -12.27 -9.81
CA ALA A 480 14.35 -11.61 -10.79
C ALA A 480 13.94 -10.15 -10.95
N PHE A 481 12.65 -9.93 -11.18
CA PHE A 481 12.09 -8.58 -11.26
C PHE A 481 11.63 -8.01 -9.89
N ARG A 482 11.76 -8.78 -8.78
CA ARG A 482 11.29 -8.40 -7.40
C ARG A 482 11.62 -6.96 -6.94
N GLY A 483 10.60 -6.25 -6.46
CA GLY A 483 10.68 -4.83 -6.22
C GLY A 483 10.41 -4.02 -7.48
N GLY A 484 10.49 -4.65 -8.65
CA GLY A 484 10.38 -3.92 -9.90
C GLY A 484 11.54 -2.97 -10.08
N LEU A 485 11.31 -1.93 -10.88
CA LEU A 485 12.36 -0.98 -11.23
C LEU A 485 13.00 -0.39 -9.98
N ALA A 486 12.16 0.08 -9.07
CA ALA A 486 12.63 0.61 -7.78
C ALA A 486 13.65 -0.35 -7.15
N GLY A 487 13.24 -1.59 -6.93
CA GLY A 487 14.10 -2.65 -6.43
C GLY A 487 15.38 -2.88 -7.23
N GLU A 488 15.31 -2.83 -8.57
CA GLU A 488 16.51 -2.99 -9.40
C GLU A 488 17.53 -1.87 -9.12
N PHE A 489 17.11 -0.61 -9.26
CA PHE A 489 17.96 0.53 -8.91
C PHE A 489 18.52 0.47 -7.49
N GLN A 490 17.74 -0.07 -6.58
CA GLN A 490 18.09 -0.05 -5.17
C GLN A 490 19.15 -1.07 -4.87
N ARG A 491 19.11 -2.22 -5.53
CA ARG A 491 20.16 -3.20 -5.36
C ARG A 491 21.50 -2.62 -5.86
N LEU A 492 21.46 -1.83 -6.94
CA LEU A 492 22.67 -1.20 -7.48
C LEU A 492 23.36 -0.16 -6.59
N LEU A 493 22.63 0.53 -5.72
CA LEU A 493 23.26 1.42 -4.75
C LEU A 493 24.01 0.53 -3.79
N PRO A 494 25.20 0.98 -3.32
CA PRO A 494 26.08 0.09 -2.57
C PRO A 494 25.99 0.38 -1.06
N ILE A 495 24.77 0.48 -0.57
CA ILE A 495 24.50 0.88 0.81
C ILE A 495 23.29 0.14 1.41
N ASP A 496 22.93 -1.01 0.84
CA ASP A 496 21.60 -1.61 1.01
C ASP A 496 21.49 -2.52 2.23
N HIS B 1 -21.89 -16.22 -27.08
CA HIS B 1 -21.20 -14.98 -26.63
C HIS B 1 -19.71 -15.25 -26.39
N PHE B 2 -18.88 -14.23 -26.61
CA PHE B 2 -17.46 -14.25 -26.22
C PHE B 2 -17.27 -13.27 -25.07
N LEU B 3 -16.83 -13.81 -23.94
CA LEU B 3 -16.77 -13.07 -22.69
C LEU B 3 -15.47 -12.29 -22.63
N CYS B 4 -15.54 -10.99 -22.34
CA CYS B 4 -14.32 -10.20 -22.21
C CYS B 4 -14.42 -8.96 -21.32
N GLY B 5 -13.60 -8.95 -20.27
CA GLY B 5 -13.61 -7.89 -19.29
C GLY B 5 -12.76 -8.25 -18.08
N VAL B 6 -13.28 -8.01 -16.88
CA VAL B 6 -12.48 -8.02 -15.64
C VAL B 6 -12.93 -9.13 -14.67
N VAL B 7 -11.97 -9.87 -14.12
CA VAL B 7 -12.19 -10.66 -12.88
C VAL B 7 -11.55 -9.95 -11.69
N GLU B 8 -12.36 -9.44 -10.75
CA GLU B 8 -11.86 -8.98 -9.44
C GLU B 8 -11.53 -10.24 -8.70
N GLY B 9 -10.30 -10.73 -8.92
CA GLY B 9 -9.84 -12.06 -8.46
C GLY B 9 -8.60 -12.08 -7.57
N PHE B 10 -8.16 -10.89 -7.15
CA PHE B 10 -6.91 -10.75 -6.39
C PHE B 10 -7.03 -10.99 -4.88
N TYR B 11 -5.88 -11.27 -4.27
CA TYR B 11 -5.76 -11.31 -2.83
C TYR B 11 -5.67 -9.89 -2.25
N GLY B 12 -6.10 -9.74 -1.01
CA GLY B 12 -6.14 -8.43 -0.34
C GLY B 12 -7.47 -7.70 -0.40
N ARG B 13 -7.39 -6.41 -0.10
CA ARG B 13 -8.55 -5.53 0.08
C ARG B 13 -9.37 -5.48 -1.20
N PRO B 14 -10.66 -5.90 -1.14
CA PRO B 14 -11.48 -5.89 -2.33
C PRO B 14 -11.99 -4.50 -2.62
N TRP B 15 -12.47 -4.33 -3.83
CA TRP B 15 -13.05 -3.06 -4.24
C TRP B 15 -14.43 -2.88 -3.56
N VAL B 16 -14.75 -1.62 -3.24
CA VAL B 16 -16.05 -1.28 -2.71
C VAL B 16 -17.05 -1.10 -3.86
N MET B 17 -18.33 -1.09 -3.52
CA MET B 17 -19.38 -1.16 -4.54
C MET B 17 -19.26 0.03 -5.51
N GLU B 18 -19.15 1.24 -4.98
CA GLU B 18 -19.09 2.42 -5.87
C GLU B 18 -17.90 2.37 -6.82
N GLN B 19 -16.84 1.64 -6.44
CA GLN B 19 -15.73 1.33 -7.36
C GLN B 19 -16.22 0.37 -8.44
N ARG B 20 -16.85 -0.73 -8.02
CA ARG B 20 -17.36 -1.75 -8.93
C ARG B 20 -18.42 -1.24 -9.94
N LYS B 21 -19.11 -0.16 -9.60
CA LYS B 21 -20.13 0.46 -10.44
C LYS B 21 -19.48 1.37 -11.49
N GLU B 22 -18.50 2.17 -11.05
CA GLU B 22 -17.62 2.93 -11.94
C GLU B 22 -16.86 2.03 -12.91
N LEU B 23 -16.65 0.76 -12.55
CA LEU B 23 -16.04 -0.24 -13.45
C LEU B 23 -17.01 -0.70 -14.55
N PHE B 24 -18.20 -1.09 -14.13
CA PHE B 24 -19.24 -1.46 -15.08
C PHE B 24 -19.38 -0.35 -16.14
N ARG B 25 -19.44 0.90 -15.70
CA ARG B 25 -19.49 2.04 -16.61
C ARG B 25 -18.42 1.90 -17.67
N ARG B 26 -17.16 1.83 -17.23
CA ARG B 26 -15.97 1.76 -18.13
C ARG B 26 -15.94 0.51 -19.03
N LEU B 27 -16.40 -0.63 -18.52
CA LEU B 27 -16.50 -1.81 -19.34
C LEU B 27 -17.43 -1.57 -20.54
N GLN B 28 -18.52 -0.82 -20.29
CA GLN B 28 -19.47 -0.48 -21.33
C GLN B 28 -18.87 0.56 -22.24
N LYS B 29 -18.44 1.68 -21.68
CA LYS B 29 -17.83 2.78 -22.47
C LYS B 29 -16.82 2.29 -23.50
N TRP B 30 -16.06 1.24 -23.17
CA TRP B 30 -15.08 0.63 -24.04
C TRP B 30 -15.55 -0.72 -24.55
N GLU B 31 -16.85 -0.92 -24.66
CA GLU B 31 -17.44 -2.07 -25.41
C GLU B 31 -17.07 -3.48 -24.92
N LEU B 32 -16.70 -3.58 -23.63
CA LEU B 32 -16.47 -4.86 -22.98
C LEU B 32 -17.76 -5.28 -22.26
N ASN B 33 -17.87 -6.56 -21.93
CA ASN B 33 -19.16 -7.16 -21.62
C ASN B 33 -19.35 -7.91 -20.28
N THR B 34 -18.30 -8.48 -19.70
CA THR B 34 -18.42 -9.39 -18.52
C THR B 34 -17.69 -8.89 -17.25
N TYR B 35 -18.08 -9.38 -16.07
CA TYR B 35 -17.37 -9.15 -14.79
C TYR B 35 -17.50 -10.38 -13.91
N LEU B 36 -16.39 -11.05 -13.63
CA LEU B 36 -16.39 -12.18 -12.68
C LEU B 36 -16.06 -11.66 -11.26
N TYR B 37 -16.95 -11.92 -10.31
CA TYR B 37 -16.80 -11.51 -8.91
C TYR B 37 -16.14 -12.66 -8.21
N ALA B 38 -14.86 -12.51 -7.81
CA ALA B 38 -14.13 -13.56 -7.10
C ALA B 38 -12.97 -13.06 -6.23
N PRO B 39 -13.22 -11.99 -5.40
CA PRO B 39 -12.11 -11.38 -4.69
C PRO B 39 -11.75 -12.27 -3.52
N LYS B 40 -10.51 -12.75 -3.48
CA LYS B 40 -10.09 -13.81 -2.58
C LYS B 40 -10.40 -13.60 -1.10
N ASP B 41 -10.38 -12.35 -0.64
CA ASP B 41 -10.52 -12.03 0.79
C ASP B 41 -11.77 -11.18 1.12
N ASP B 42 -12.84 -11.42 0.36
CA ASP B 42 -14.21 -11.13 0.80
C ASP B 42 -14.65 -12.48 1.41
N TYR B 43 -14.78 -12.49 2.73
CA TYR B 43 -14.79 -13.73 3.51
C TYR B 43 -15.82 -14.78 3.09
N LYS B 44 -16.94 -14.32 2.54
CA LYS B 44 -18.02 -15.22 2.18
C LYS B 44 -17.83 -15.88 0.81
N HIS B 45 -16.98 -15.31 -0.03
CA HIS B 45 -16.58 -15.92 -1.29
C HIS B 45 -15.73 -17.17 -1.11
N ARG B 46 -14.97 -17.28 -0.03
CA ARG B 46 -14.00 -18.38 0.10
C ARG B 46 -13.84 -18.97 1.48
N MET B 47 -13.38 -18.18 2.45
CA MET B 47 -13.06 -18.75 3.77
C MET B 47 -14.30 -19.19 4.51
N PHE B 48 -15.37 -18.42 4.35
CA PHE B 48 -16.68 -18.78 4.88
C PHE B 48 -17.65 -18.85 3.73
N TRP B 49 -17.34 -19.75 2.82
CA TRP B 49 -18.15 -19.99 1.64
C TRP B 49 -19.54 -20.54 1.99
N ARG B 50 -19.61 -21.32 3.07
CA ARG B 50 -20.89 -21.83 3.55
C ARG B 50 -21.88 -20.73 4.01
N GLU B 51 -21.39 -19.56 4.40
CA GLU B 51 -22.22 -18.54 5.07
C GLU B 51 -23.05 -17.70 4.13
N MET B 52 -24.31 -17.53 4.52
CA MET B 52 -25.27 -16.79 3.75
C MET B 52 -24.97 -15.32 3.96
N TYR B 53 -25.07 -14.52 2.90
CA TYR B 53 -24.94 -13.05 3.02
C TYR B 53 -25.99 -12.57 4.03
N SER B 54 -25.59 -11.62 4.86
CA SER B 54 -26.54 -11.04 5.81
C SER B 54 -27.50 -10.15 5.04
N VAL B 55 -28.50 -9.66 5.75
CA VAL B 55 -29.45 -8.67 5.24
C VAL B 55 -28.77 -7.44 4.61
N GLU B 56 -27.86 -6.77 5.32
CA GLU B 56 -27.28 -5.52 4.79
C GLU B 56 -26.29 -5.82 3.68
N GLU B 57 -25.63 -6.98 3.77
CA GLU B 57 -24.81 -7.47 2.68
C GLU B 57 -25.64 -7.75 1.42
N ALA B 58 -26.74 -8.49 1.58
CA ALA B 58 -27.70 -8.78 0.49
C ALA B 58 -28.14 -7.54 -0.30
N GLU B 59 -28.48 -6.46 0.38
CA GLU B 59 -28.89 -5.25 -0.31
C GLU B 59 -27.76 -4.73 -1.22
N GLN B 60 -26.52 -4.80 -0.72
CA GLN B 60 -25.37 -4.34 -1.49
C GLN B 60 -25.18 -5.20 -2.74
N LEU B 61 -25.15 -6.52 -2.56
CA LEU B 61 -25.00 -7.43 -3.70
C LEU B 61 -26.08 -7.19 -4.73
N MET B 62 -27.32 -7.02 -4.25
CA MET B 62 -28.47 -6.78 -5.10
C MET B 62 -28.34 -5.45 -5.83
N THR B 63 -28.00 -4.38 -5.13
CA THR B 63 -27.82 -3.10 -5.79
C THR B 63 -26.69 -3.13 -6.80
N LEU B 64 -25.70 -4.00 -6.58
CA LEU B 64 -24.57 -4.16 -7.49
C LEU B 64 -25.02 -4.90 -8.76
N ILE B 65 -25.60 -6.07 -8.57
CA ILE B 65 -26.14 -6.87 -9.65
C ILE B 65 -27.12 -6.06 -10.52
N SER B 66 -27.84 -5.13 -9.88
CA SER B 66 -28.64 -4.12 -10.60
C SER B 66 -27.80 -3.28 -11.54
N ALA B 67 -26.90 -2.48 -10.98
CA ALA B 67 -26.04 -1.61 -11.80
C ALA B 67 -25.31 -2.36 -12.97
N ALA B 68 -25.02 -3.65 -12.80
CA ALA B 68 -24.47 -4.47 -13.89
C ALA B 68 -25.48 -4.67 -15.03
N ARG B 69 -26.70 -5.07 -14.66
CA ARG B 69 -27.79 -5.32 -15.62
C ARG B 69 -28.16 -4.03 -16.34
N GLU B 70 -28.32 -2.94 -15.58
CA GLU B 70 -28.50 -1.58 -16.12
C GLU B 70 -27.44 -1.18 -17.19
N TYR B 71 -26.18 -1.60 -16.99
CA TYR B 71 -25.05 -1.27 -17.88
C TYR B 71 -24.67 -2.40 -18.87
N GLU B 72 -25.59 -3.35 -19.07
CA GLU B 72 -25.36 -4.52 -19.94
C GLU B 72 -24.04 -5.29 -19.67
N ILE B 73 -23.55 -5.23 -18.44
CA ILE B 73 -22.39 -6.01 -18.04
C ILE B 73 -22.90 -7.29 -17.40
N GLU B 74 -22.34 -8.42 -17.81
CA GLU B 74 -22.80 -9.73 -17.37
C GLU B 74 -22.13 -10.18 -16.08
N PHE B 75 -22.84 -10.03 -14.96
CA PHE B 75 -22.33 -10.38 -13.63
C PHE B 75 -22.23 -11.89 -13.42
N ILE B 76 -21.01 -12.41 -13.36
CA ILE B 76 -20.76 -13.78 -12.87
C ILE B 76 -20.30 -13.70 -11.41
N TYR B 77 -21.05 -14.35 -10.52
CA TYR B 77 -20.67 -14.55 -9.11
C TYR B 77 -19.93 -15.86 -8.99
N ALA B 78 -18.77 -15.84 -8.33
CA ALA B 78 -18.00 -17.05 -8.03
C ALA B 78 -18.03 -17.46 -6.56
N ILE B 79 -17.63 -18.70 -6.31
CA ILE B 79 -17.45 -19.19 -4.97
C ILE B 79 -16.34 -20.25 -4.97
N SER B 80 -15.47 -20.19 -3.96
CA SER B 80 -14.28 -21.01 -3.89
C SER B 80 -14.33 -21.87 -2.63
N PRO B 81 -15.06 -23.01 -2.66
CA PRO B 81 -15.11 -23.92 -1.50
C PRO B 81 -13.92 -24.90 -1.41
N GLY B 82 -12.96 -24.79 -2.33
CA GLY B 82 -11.85 -25.72 -2.44
C GLY B 82 -11.18 -26.14 -1.16
N LEU B 83 -10.93 -25.18 -0.26
CA LEU B 83 -10.13 -25.42 0.94
C LEU B 83 -10.61 -26.60 1.77
N ASP B 84 -11.79 -26.49 2.36
CA ASP B 84 -12.19 -27.39 3.45
C ASP B 84 -13.50 -28.14 3.22
N ILE B 85 -14.04 -28.08 2.00
CA ILE B 85 -15.27 -28.82 1.68
C ILE B 85 -15.01 -30.31 1.66
N THR B 86 -15.94 -31.09 2.20
CA THR B 86 -15.99 -32.53 1.97
C THR B 86 -16.91 -32.76 0.78
N PHE B 87 -16.30 -33.14 -0.35
CA PHE B 87 -17.00 -33.30 -1.62
C PHE B 87 -18.07 -34.40 -1.59
N SER B 88 -17.79 -35.51 -0.90
CA SER B 88 -18.69 -36.70 -0.82
C SER B 88 -19.94 -36.58 0.05
N ASN B 89 -20.00 -35.56 0.92
CA ASN B 89 -21.07 -35.43 1.91
C ASN B 89 -22.30 -34.62 1.39
N PRO B 90 -23.53 -35.18 1.49
CA PRO B 90 -24.69 -34.49 0.89
C PRO B 90 -25.09 -33.17 1.56
N LYS B 91 -24.86 -33.06 2.86
CA LYS B 91 -25.18 -31.83 3.60
C LYS B 91 -24.28 -30.66 3.17
N GLU B 92 -23.01 -30.95 2.89
CA GLU B 92 -22.04 -29.97 2.35
C GLU B 92 -22.45 -29.42 0.99
N VAL B 93 -22.98 -30.29 0.15
CA VAL B 93 -23.41 -29.89 -1.19
C VAL B 93 -24.63 -28.97 -1.09
N SER B 94 -25.52 -29.32 -0.16
CA SER B 94 -26.76 -28.58 0.09
C SER B 94 -26.50 -27.13 0.48
N THR B 95 -25.48 -26.91 1.32
CA THR B 95 -25.04 -25.57 1.69
C THR B 95 -24.61 -24.82 0.43
N LEU B 96 -23.78 -25.47 -0.40
CA LEU B 96 -23.25 -24.81 -1.59
C LEU B 96 -24.40 -24.36 -2.49
N LYS B 97 -25.36 -25.28 -2.69
CA LYS B 97 -26.58 -24.98 -3.44
C LYS B 97 -27.35 -23.82 -2.79
N ARG B 98 -27.69 -23.98 -1.51
CA ARG B 98 -28.43 -22.96 -0.74
C ARG B 98 -27.83 -21.55 -0.88
N LYS B 99 -26.50 -21.48 -0.81
CA LYS B 99 -25.81 -20.21 -0.98
C LYS B 99 -25.92 -19.71 -2.40
N LEU B 100 -25.66 -20.58 -3.37
CA LEU B 100 -25.81 -20.19 -4.76
C LEU B 100 -27.24 -19.73 -5.05
N ASP B 101 -28.23 -20.46 -4.50
CA ASP B 101 -29.64 -20.04 -4.49
C ASP B 101 -29.78 -18.58 -4.01
N GLN B 102 -29.22 -18.31 -2.83
CA GLN B 102 -29.34 -16.97 -2.20
C GLN B 102 -28.89 -15.84 -3.11
N VAL B 103 -27.87 -16.11 -3.91
CA VAL B 103 -27.34 -15.09 -4.83
C VAL B 103 -28.19 -15.01 -6.07
N SER B 104 -28.64 -16.16 -6.58
CA SER B 104 -29.60 -16.21 -7.68
C SER B 104 -30.73 -15.20 -7.44
N GLN B 105 -31.25 -15.24 -6.21
CA GLN B 105 -32.31 -14.37 -5.77
C GLN B 105 -31.96 -12.87 -5.70
N PHE B 106 -30.70 -12.50 -5.83
CA PHE B 106 -30.32 -11.08 -5.98
C PHE B 106 -30.46 -10.57 -7.44
N GLY B 107 -30.51 -11.50 -8.39
CA GLY B 107 -30.47 -11.16 -9.82
C GLY B 107 -29.62 -12.12 -10.62
N CYS B 108 -28.56 -12.61 -9.99
CA CYS B 108 -27.49 -13.34 -10.65
C CYS B 108 -27.96 -14.54 -11.47
N ARG B 109 -27.72 -14.46 -12.78
CA ARG B 109 -28.01 -15.53 -13.76
C ARG B 109 -26.76 -16.41 -14.01
N SER B 110 -25.62 -15.76 -14.17
CA SER B 110 -24.34 -16.42 -14.40
C SER B 110 -23.62 -16.75 -13.09
N PHE B 111 -23.00 -17.93 -13.03
CA PHE B 111 -22.31 -18.42 -11.83
C PHE B 111 -20.89 -18.95 -12.14
N ALA B 112 -20.12 -19.30 -11.11
CA ALA B 112 -18.75 -19.87 -11.27
C ALA B 112 -18.28 -20.60 -10.03
N LEU B 113 -17.60 -21.75 -10.20
CA LEU B 113 -16.89 -22.43 -9.11
C LEU B 113 -15.40 -22.48 -9.39
N LEU B 114 -14.61 -21.91 -8.48
CA LEU B 114 -13.16 -21.87 -8.58
C LEU B 114 -12.52 -22.92 -7.64
N PHE B 115 -11.54 -23.67 -8.15
CA PHE B 115 -10.80 -24.63 -7.32
C PHE B 115 -9.30 -24.43 -7.52
N ASP B 116 -8.89 -23.19 -7.75
CA ASP B 116 -7.46 -22.81 -7.72
C ASP B 116 -6.82 -22.88 -6.32
N ASN B 117 -5.52 -23.09 -6.30
CA ASN B 117 -4.71 -22.91 -5.09
C ASN B 117 -5.30 -23.63 -3.87
N ILE B 118 -5.37 -24.96 -3.96
CA ILE B 118 -5.76 -25.85 -2.84
C ILE B 118 -4.98 -27.17 -2.84
N ASP B 119 -4.88 -27.78 -1.65
CA ASP B 119 -4.19 -29.07 -1.48
C ASP B 119 -4.72 -30.09 -2.48
N HIS B 120 -3.83 -30.82 -3.15
CA HIS B 120 -4.23 -31.78 -4.18
C HIS B 120 -4.85 -33.07 -3.58
N ASN B 121 -4.57 -33.35 -2.31
CA ASN B 121 -5.23 -34.49 -1.60
C ASN B 121 -6.64 -34.13 -1.06
N MET B 122 -7.36 -35.14 -0.56
CA MET B 122 -8.68 -34.95 0.07
C MET B 122 -8.82 -35.84 1.31
N CYS B 123 -9.97 -35.76 1.99
CA CYS B 123 -10.16 -36.43 3.30
C CYS B 123 -10.49 -37.92 3.15
N ALA B 124 -10.56 -38.61 4.29
CA ALA B 124 -11.03 -40.01 4.40
C ALA B 124 -12.28 -40.35 3.54
N ALA B 125 -13.42 -39.76 3.90
CA ALA B 125 -14.70 -40.02 3.21
C ALA B 125 -14.67 -39.94 1.67
N ASP B 126 -13.91 -38.98 1.13
CA ASP B 126 -13.79 -38.78 -0.33
C ASP B 126 -12.97 -39.87 -1.05
N LYS B 127 -11.98 -40.47 -0.37
CA LYS B 127 -11.14 -41.54 -0.97
C LYS B 127 -12.00 -42.74 -1.38
N GLU B 128 -13.01 -43.06 -0.57
CA GLU B 128 -13.96 -44.14 -0.86
C GLU B 128 -14.81 -43.80 -2.08
N VAL B 129 -15.57 -42.71 -1.96
CA VAL B 129 -16.58 -42.35 -2.96
C VAL B 129 -15.97 -41.98 -4.34
N PHE B 130 -14.72 -41.49 -4.35
CA PHE B 130 -14.14 -40.96 -5.58
C PHE B 130 -12.79 -41.60 -5.88
N SER B 131 -12.60 -41.97 -7.15
CA SER B 131 -11.37 -42.62 -7.59
C SER B 131 -10.21 -41.62 -7.57
N SER B 132 -10.44 -40.40 -8.08
CA SER B 132 -9.43 -39.31 -8.06
C SER B 132 -9.99 -37.92 -7.65
N PHE B 133 -9.08 -37.07 -7.18
CA PHE B 133 -9.38 -35.68 -6.82
C PHE B 133 -10.13 -34.96 -7.95
N ALA B 134 -9.71 -35.22 -9.19
CA ALA B 134 -10.38 -34.66 -10.35
C ALA B 134 -11.82 -35.13 -10.48
N HIS B 135 -12.08 -36.41 -10.20
CA HIS B 135 -13.45 -36.99 -10.25
C HIS B 135 -14.39 -36.27 -9.27
N ALA B 136 -13.88 -36.04 -8.05
CA ALA B 136 -14.57 -35.26 -7.01
C ALA B 136 -14.99 -33.83 -7.45
N GLN B 137 -14.05 -33.06 -7.98
CA GLN B 137 -14.33 -31.69 -8.41
C GLN B 137 -15.35 -31.62 -9.54
N VAL B 138 -15.22 -32.49 -10.54
CA VAL B 138 -16.17 -32.50 -11.66
C VAL B 138 -17.59 -32.91 -11.22
N SER B 139 -17.68 -33.90 -10.32
CA SER B 139 -18.97 -34.36 -9.77
C SER B 139 -19.83 -33.23 -9.23
N ILE B 140 -19.32 -32.48 -8.24
CA ILE B 140 -20.13 -31.44 -7.58
C ILE B 140 -20.35 -30.23 -8.47
N THR B 141 -19.45 -29.99 -9.42
CA THR B 141 -19.65 -28.93 -10.42
C THR B 141 -20.79 -29.26 -11.38
N ASN B 142 -20.84 -30.53 -11.83
CA ASN B 142 -21.95 -31.05 -12.65
C ASN B 142 -23.27 -30.89 -11.88
N GLU B 143 -23.42 -31.67 -10.81
CA GLU B 143 -24.55 -31.58 -9.85
C GLU B 143 -25.06 -30.15 -9.59
N ILE B 144 -24.12 -29.20 -9.45
CA ILE B 144 -24.45 -27.77 -9.27
C ILE B 144 -24.89 -27.10 -10.59
N TYR B 145 -24.26 -27.47 -11.71
CA TYR B 145 -24.68 -26.94 -13.04
C TYR B 145 -26.15 -27.29 -13.31
N GLN B 146 -26.49 -28.57 -13.09
CA GLN B 146 -27.84 -29.11 -13.35
C GLN B 146 -28.87 -28.58 -12.36
N TYR B 147 -28.54 -28.59 -11.06
CA TYR B 147 -29.36 -27.95 -10.02
C TYR B 147 -29.77 -26.49 -10.34
N LEU B 148 -28.83 -25.66 -10.77
CA LEU B 148 -29.15 -24.26 -11.12
C LEU B 148 -29.99 -24.10 -12.42
N GLY B 149 -30.28 -25.21 -13.11
CA GLY B 149 -31.06 -25.22 -14.33
C GLY B 149 -30.22 -25.05 -15.58
N GLU B 150 -28.93 -25.36 -15.48
CA GLU B 150 -27.97 -25.22 -16.60
C GLU B 150 -27.93 -23.80 -17.22
N PRO B 151 -27.32 -22.80 -16.52
CA PRO B 151 -27.28 -21.43 -17.09
C PRO B 151 -26.29 -21.23 -18.26
N GLU B 152 -26.51 -20.14 -19.00
CA GLU B 152 -25.74 -19.84 -20.22
C GLU B 152 -24.22 -19.80 -20.00
N THR B 153 -23.82 -19.17 -18.89
CA THR B 153 -22.42 -19.02 -18.48
C THR B 153 -22.21 -19.66 -17.12
N PHE B 154 -21.30 -20.62 -17.06
CA PHE B 154 -20.96 -21.24 -15.81
C PHE B 154 -19.53 -21.78 -15.90
N LEU B 155 -18.60 -21.18 -15.13
CA LEU B 155 -17.15 -21.43 -15.26
C LEU B 155 -16.64 -22.44 -14.21
N PHE B 156 -15.49 -23.05 -14.52
CA PHE B 156 -14.79 -23.99 -13.61
C PHE B 156 -13.29 -23.73 -13.69
N CYS B 157 -12.77 -22.95 -12.73
CA CYS B 157 -11.33 -22.83 -12.61
C CYS B 157 -10.78 -24.07 -11.94
N PRO B 158 -9.90 -24.82 -12.64
CA PRO B 158 -9.41 -26.04 -12.00
C PRO B 158 -8.27 -25.73 -11.04
N THR B 159 -7.84 -26.77 -10.34
CA THR B 159 -6.59 -26.75 -9.59
C THR B 159 -5.39 -26.60 -10.51
N GLU B 160 -5.34 -27.39 -11.58
CA GLU B 160 -4.27 -27.28 -12.60
C GLU B 160 -4.67 -26.28 -13.70
N TYR B 161 -4.55 -25.00 -13.39
CA TYR B 161 -5.15 -23.92 -14.19
C TYR B 161 -4.15 -23.15 -15.06
N CYS B 162 -2.90 -23.62 -15.07
CA CYS B 162 -1.84 -23.09 -15.95
C CYS B 162 -0.87 -24.21 -16.31
N GLY B 163 -0.06 -23.98 -17.33
CA GLY B 163 0.93 -24.98 -17.80
C GLY B 163 1.87 -25.55 -16.75
N THR B 164 2.63 -24.66 -16.10
CA THR B 164 3.55 -25.06 -15.02
C THR B 164 2.92 -26.02 -13.98
N PHE B 165 1.61 -25.87 -13.74
CA PHE B 165 0.91 -26.56 -12.65
C PHE B 165 0.30 -27.92 -13.00
N CYS B 166 0.44 -28.39 -14.25
CA CYS B 166 -0.10 -29.72 -14.64
C CYS B 166 0.93 -30.87 -14.43
N TYR B 167 0.62 -31.84 -13.57
CA TYR B 167 1.51 -32.98 -13.23
C TYR B 167 1.20 -34.16 -14.18
N PRO B 168 2.17 -34.66 -14.97
CA PRO B 168 3.55 -34.13 -15.12
C PRO B 168 3.68 -33.02 -16.18
N ASN B 169 2.94 -33.12 -17.28
CA ASN B 169 2.82 -32.03 -18.26
C ASN B 169 1.35 -31.81 -18.62
N VAL B 170 1.09 -30.81 -19.47
CA VAL B 170 -0.28 -30.47 -19.89
C VAL B 170 -1.01 -31.70 -20.47
N SER B 171 -0.50 -32.25 -21.57
CA SER B 171 -1.18 -33.35 -22.29
C SER B 171 -1.21 -34.69 -21.52
N GLN B 172 -0.16 -35.00 -20.77
CA GLN B 172 -0.04 -36.29 -20.06
C GLN B 172 -0.74 -36.38 -18.67
N SER B 173 -1.41 -35.31 -18.21
CA SER B 173 -1.89 -35.25 -16.82
C SER B 173 -3.25 -35.96 -16.59
N PRO B 174 -3.32 -36.86 -15.57
CA PRO B 174 -4.61 -37.45 -15.17
C PRO B 174 -5.70 -36.42 -14.85
N TYR B 175 -5.33 -35.35 -14.12
CA TYR B 175 -6.26 -34.33 -13.69
C TYR B 175 -6.96 -33.65 -14.87
N LEU B 176 -6.21 -33.09 -15.80
CA LEU B 176 -6.84 -32.40 -16.95
C LEU B 176 -7.49 -33.39 -17.95
N ARG B 177 -6.97 -34.61 -18.01
CA ARG B 177 -7.64 -35.69 -18.73
C ARG B 177 -9.07 -35.84 -18.21
N THR B 178 -9.20 -36.16 -16.91
CA THR B 178 -10.50 -36.41 -16.27
C THR B 178 -11.53 -35.28 -16.51
N VAL B 179 -11.06 -34.05 -16.48
CA VAL B 179 -11.91 -32.89 -16.61
C VAL B 179 -12.46 -32.77 -18.04
N GLY B 180 -11.63 -33.07 -19.03
CA GLY B 180 -12.07 -33.00 -20.44
C GLY B 180 -13.20 -33.96 -20.76
N GLU B 181 -13.02 -35.21 -20.34
CA GLU B 181 -14.01 -36.28 -20.60
C GLU B 181 -15.27 -36.09 -19.77
N LYS B 182 -15.12 -36.15 -18.44
CA LYS B 182 -16.26 -36.20 -17.52
C LYS B 182 -17.00 -34.85 -17.26
N LEU B 183 -16.39 -33.69 -17.49
CA LEU B 183 -17.05 -32.40 -17.14
C LEU B 183 -18.02 -31.93 -18.22
N LEU B 184 -19.29 -31.70 -17.83
CA LEU B 184 -20.38 -31.30 -18.77
C LEU B 184 -19.93 -30.23 -19.76
N PRO B 185 -20.10 -30.46 -21.09
CA PRO B 185 -19.74 -29.47 -22.13
C PRO B 185 -20.39 -28.06 -22.08
N GLY B 186 -21.45 -27.86 -21.30
CA GLY B 186 -21.98 -26.50 -21.05
C GLY B 186 -21.18 -25.64 -20.06
N ILE B 187 -20.29 -26.28 -19.29
CA ILE B 187 -19.38 -25.62 -18.35
C ILE B 187 -18.15 -25.15 -19.13
N GLU B 188 -17.67 -23.93 -18.83
CA GLU B 188 -16.48 -23.38 -19.48
C GLU B 188 -15.33 -23.73 -18.56
N VAL B 189 -14.10 -23.51 -19.03
CA VAL B 189 -12.94 -23.78 -18.20
C VAL B 189 -11.96 -22.62 -18.25
N LEU B 190 -11.53 -22.23 -17.04
CA LEU B 190 -10.61 -21.13 -16.82
C LEU B 190 -9.14 -21.61 -16.90
N TRP B 191 -8.31 -20.76 -17.50
CA TRP B 191 -6.91 -21.08 -17.80
C TRP B 191 -6.13 -19.76 -17.75
N THR B 192 -4.93 -19.76 -17.14
CA THR B 192 -4.14 -18.50 -17.04
C THR B 192 -2.96 -18.37 -18.00
N GLY B 193 -2.68 -19.43 -18.79
CA GLY B 193 -1.51 -19.53 -19.67
C GLY B 193 -0.53 -20.64 -19.29
N PRO B 194 0.67 -20.61 -19.90
CA PRO B 194 1.74 -21.55 -19.52
C PRO B 194 2.08 -21.47 -18.05
N LYS B 195 1.99 -20.28 -17.48
CA LYS B 195 2.31 -20.03 -16.07
C LYS B 195 1.12 -19.32 -15.40
N VAL B 196 1.25 -19.04 -14.10
CA VAL B 196 0.28 -18.24 -13.34
C VAL B 196 0.13 -16.80 -13.86
N VAL B 197 1.23 -16.04 -13.92
CA VAL B 197 1.28 -14.72 -14.61
C VAL B 197 2.12 -14.85 -15.89
N SER B 198 1.47 -14.84 -17.04
CA SER B 198 2.12 -15.25 -18.27
C SER B 198 2.73 -14.09 -19.02
N LYS B 199 3.99 -14.26 -19.42
CA LYS B 199 4.72 -13.32 -20.26
C LYS B 199 4.07 -13.29 -21.63
N GLU B 200 3.88 -14.49 -22.21
CA GLU B 200 3.24 -14.68 -23.53
C GLU B 200 2.25 -15.86 -23.48
N ILE B 201 1.09 -15.70 -24.13
CA ILE B 201 0.19 -16.82 -24.45
C ILE B 201 0.41 -17.16 -25.93
N PRO B 202 1.30 -18.13 -26.22
CA PRO B 202 1.45 -18.54 -27.62
C PRO B 202 0.25 -19.38 -28.07
N VAL B 203 -0.12 -19.25 -29.36
CA VAL B 203 -1.29 -19.95 -29.91
C VAL B 203 -1.13 -21.47 -29.81
N GLU B 204 0.09 -21.96 -30.09
CA GLU B 204 0.49 -23.36 -29.91
C GLU B 204 0.08 -24.00 -28.58
N SER B 205 0.18 -23.23 -27.49
CA SER B 205 -0.14 -23.73 -26.13
C SER B 205 -1.64 -23.84 -25.88
N ILE B 206 -2.40 -22.85 -26.37
CA ILE B 206 -3.87 -22.82 -26.27
C ILE B 206 -4.54 -23.93 -27.08
N GLU B 207 -3.91 -24.33 -28.18
CA GLU B 207 -4.32 -25.55 -28.87
C GLU B 207 -3.98 -26.78 -28.02
N GLU B 208 -2.74 -26.85 -27.52
CA GLU B 208 -2.29 -28.00 -26.67
C GLU B 208 -3.24 -28.29 -25.48
N VAL B 209 -3.82 -27.22 -24.92
CA VAL B 209 -4.79 -27.32 -23.81
C VAL B 209 -6.24 -27.43 -24.33
N SER B 210 -6.56 -26.80 -25.47
CA SER B 210 -7.92 -26.89 -26.05
C SER B 210 -8.33 -28.37 -26.23
N LYS B 211 -7.41 -29.19 -26.72
CA LYS B 211 -7.67 -30.62 -26.96
C LYS B 211 -7.96 -31.42 -25.68
N ILE B 212 -7.11 -31.28 -24.65
CA ILE B 212 -7.25 -32.11 -23.42
C ILE B 212 -8.47 -31.77 -22.54
N ILE B 213 -8.85 -30.48 -22.45
CA ILE B 213 -10.13 -30.09 -21.80
C ILE B 213 -11.35 -30.22 -22.74
N LYS B 214 -11.09 -30.56 -24.00
CA LYS B 214 -12.13 -30.79 -24.99
C LYS B 214 -12.97 -29.54 -25.26
N ARG B 215 -12.41 -28.34 -25.10
CA ARG B 215 -13.12 -27.07 -25.45
C ARG B 215 -12.22 -25.82 -25.48
N ALA B 216 -12.79 -24.71 -25.95
CA ALA B 216 -12.08 -23.42 -26.03
C ALA B 216 -12.13 -22.70 -24.68
N PRO B 217 -10.96 -22.55 -24.02
CA PRO B 217 -10.94 -22.07 -22.65
C PRO B 217 -11.20 -20.59 -22.52
N VAL B 218 -11.46 -20.18 -21.28
CA VAL B 218 -11.61 -18.79 -20.89
C VAL B 218 -10.37 -18.43 -20.07
N ILE B 219 -9.71 -17.34 -20.45
CA ILE B 219 -8.46 -16.95 -19.83
C ILE B 219 -8.71 -15.97 -18.69
N TRP B 220 -8.32 -16.43 -17.50
CA TRP B 220 -8.04 -15.57 -16.35
C TRP B 220 -6.65 -14.96 -16.61
N ASP B 221 -6.59 -13.68 -16.92
CA ASP B 221 -5.29 -13.09 -17.24
C ASP B 221 -4.65 -12.31 -16.09
N ASN B 222 -3.66 -12.96 -15.48
CA ASN B 222 -2.87 -12.38 -14.40
C ASN B 222 -1.79 -11.38 -14.84
N ILE B 223 -1.68 -11.11 -16.15
CA ILE B 223 -0.74 -10.11 -16.68
C ILE B 223 -0.58 -8.83 -15.85
N HIS B 224 -1.67 -8.22 -15.36
CA HIS B 224 -1.55 -6.98 -14.56
C HIS B 224 -1.87 -7.19 -13.05
N ALA B 225 -2.06 -8.43 -12.64
CA ALA B 225 -2.07 -8.73 -11.21
C ALA B 225 -0.85 -8.08 -10.56
N ASN B 226 -1.03 -7.45 -9.40
CA ASN B 226 0.06 -6.91 -8.59
C ASN B 226 -0.02 -7.24 -7.08
N ASP B 227 -0.88 -8.22 -6.74
CA ASP B 227 -1.11 -8.65 -5.37
C ASP B 227 0.06 -9.49 -4.76
N TYR B 228 0.98 -9.96 -5.61
CA TYR B 228 2.17 -10.73 -5.21
C TYR B 228 3.45 -9.91 -4.80
N ASP B 229 3.40 -8.58 -4.91
CA ASP B 229 4.61 -7.77 -4.81
C ASP B 229 4.25 -6.36 -4.40
N GLN B 230 4.66 -6.05 -3.18
CA GLN B 230 4.23 -4.83 -2.52
C GLN B 230 4.72 -3.63 -3.33
N LYS B 231 5.91 -3.72 -3.90
CA LYS B 231 6.47 -2.58 -4.63
C LYS B 231 6.02 -2.48 -6.09
N ARG B 232 5.28 -3.47 -6.59
CA ARG B 232 4.92 -3.52 -8.02
C ARG B 232 3.48 -3.07 -8.37
N LEU B 233 3.41 -2.40 -9.51
CA LEU B 233 2.24 -1.76 -10.09
C LEU B 233 2.44 -1.86 -11.60
N PHE B 234 1.40 -2.24 -12.33
CA PHE B 234 1.48 -2.52 -13.77
C PHE B 234 0.55 -1.65 -14.65
N LEU B 235 1.15 -0.65 -15.30
CA LEU B 235 0.43 0.31 -16.16
C LEU B 235 0.79 0.13 -17.65
N GLY B 236 1.10 -1.09 -18.04
CA GLY B 236 1.63 -1.32 -19.37
C GLY B 236 0.49 -1.71 -20.26
N PRO B 237 0.74 -1.79 -21.57
CA PRO B 237 -0.28 -2.20 -22.50
C PRO B 237 -0.59 -3.68 -22.36
N TYR B 238 -1.82 -4.06 -22.71
CA TYR B 238 -2.16 -5.47 -22.87
C TYR B 238 -1.22 -6.00 -23.96
N LYS B 239 -0.45 -7.04 -23.66
CA LYS B 239 0.64 -7.44 -24.54
C LYS B 239 1.07 -8.88 -24.31
N GLY B 240 1.65 -9.48 -25.34
CA GLY B 240 2.15 -10.86 -25.31
C GLY B 240 1.10 -11.86 -25.71
N ARG B 241 -0.08 -11.35 -26.07
CA ARG B 241 -1.23 -12.16 -26.47
C ARG B 241 -1.62 -11.84 -27.94
N SER B 242 -1.55 -12.87 -28.78
CA SER B 242 -1.83 -12.74 -30.22
C SER B 242 -3.34 -12.59 -30.45
N THR B 243 -3.72 -11.58 -31.24
CA THR B 243 -5.10 -11.38 -31.70
C THR B 243 -5.69 -12.69 -32.29
N GLU B 244 -4.84 -13.35 -33.07
CA GLU B 244 -5.04 -14.72 -33.53
C GLU B 244 -5.57 -15.73 -32.48
N LEU B 245 -5.53 -15.39 -31.19
CA LEU B 245 -6.13 -16.24 -30.14
C LEU B 245 -7.66 -16.14 -30.12
N ILE B 246 -8.17 -14.93 -30.33
CA ILE B 246 -9.58 -14.63 -30.07
C ILE B 246 -10.50 -15.78 -30.55
N PRO B 247 -10.57 -16.06 -31.88
CA PRO B 247 -11.27 -17.21 -32.44
C PRO B 247 -11.22 -18.50 -31.62
N ARG B 248 -10.06 -18.83 -31.07
CA ARG B 248 -9.84 -20.10 -30.36
C ARG B 248 -10.15 -20.10 -28.85
N LEU B 249 -10.63 -18.96 -28.32
CA LEU B 249 -10.96 -18.79 -26.88
C LEU B 249 -12.43 -18.45 -26.69
N LYS B 250 -13.07 -18.85 -25.57
CA LYS B 250 -14.42 -18.30 -25.26
C LYS B 250 -14.39 -16.99 -24.48
N GLY B 251 -13.23 -16.65 -23.93
CA GLY B 251 -13.05 -15.33 -23.34
C GLY B 251 -11.71 -14.98 -22.73
N VAL B 252 -11.59 -13.72 -22.36
CA VAL B 252 -10.44 -13.23 -21.63
C VAL B 252 -10.96 -12.24 -20.59
N LEU B 253 -10.77 -12.62 -19.32
CA LEU B 253 -11.01 -11.76 -18.15
C LEU B 253 -9.69 -11.41 -17.44
N THR B 254 -9.32 -10.12 -17.42
CA THR B 254 -8.03 -9.65 -16.84
C THR B 254 -8.17 -9.39 -15.32
N ASN B 255 -7.42 -10.17 -14.52
CA ASN B 255 -7.24 -10.00 -13.05
C ASN B 255 -6.17 -8.93 -12.83
N PRO B 256 -6.59 -7.70 -12.53
CA PRO B 256 -5.62 -6.63 -12.64
C PRO B 256 -5.08 -6.10 -11.25
N ASN B 257 -4.55 -4.88 -11.25
CA ASN B 257 -3.90 -4.33 -10.06
C ASN B 257 -4.96 -4.12 -9.00
N CYS B 258 -4.58 -4.32 -7.74
CA CYS B 258 -5.49 -4.11 -6.59
C CYS B 258 -5.95 -2.68 -6.51
N GLU B 259 -5.07 -1.75 -6.84
CA GLU B 259 -5.40 -0.35 -6.76
C GLU B 259 -6.29 -0.07 -7.98
N PHE B 260 -7.52 0.34 -7.71
CA PHE B 260 -8.56 0.43 -8.74
C PHE B 260 -8.23 1.44 -9.85
N GLU B 261 -7.92 2.67 -9.45
CA GLU B 261 -7.69 3.74 -10.42
C GLU B 261 -6.46 3.57 -11.33
N ALA B 262 -5.62 2.58 -11.04
CA ALA B 262 -4.45 2.26 -11.85
C ALA B 262 -4.70 1.16 -12.92
N ASN B 263 -5.94 0.71 -13.01
CA ASN B 263 -6.32 -0.27 -14.01
C ASN B 263 -6.91 0.35 -15.31
N TYR B 264 -6.77 1.67 -15.50
CA TYR B 264 -7.31 2.35 -16.69
C TYR B 264 -6.65 1.79 -17.95
N VAL B 265 -5.32 1.90 -18.00
CA VAL B 265 -4.53 1.34 -19.10
C VAL B 265 -4.76 -0.17 -19.21
N ALA B 266 -4.78 -0.87 -18.08
CA ALA B 266 -4.90 -2.32 -18.12
C ALA B 266 -6.17 -2.82 -18.83
N ILE B 267 -7.25 -2.05 -18.77
CA ILE B 267 -8.55 -2.46 -19.32
C ILE B 267 -8.78 -1.81 -20.67
N HIS B 268 -8.62 -0.48 -20.73
CA HIS B 268 -8.66 0.26 -22.00
C HIS B 268 -7.91 -0.44 -23.14
N THR B 269 -6.73 -0.96 -22.86
CA THR B 269 -5.93 -1.60 -23.90
C THR B 269 -6.46 -3.00 -24.20
N LEU B 270 -6.88 -3.75 -23.17
CA LEU B 270 -7.59 -5.01 -23.42
C LEU B 270 -8.79 -4.80 -24.35
N ALA B 271 -9.47 -3.66 -24.21
CA ALA B 271 -10.57 -3.28 -25.09
C ALA B 271 -10.13 -3.13 -26.54
N THR B 272 -9.10 -2.31 -26.81
CA THR B 272 -8.59 -2.17 -28.20
C THR B 272 -8.17 -3.51 -28.86
N TRP B 273 -7.65 -4.46 -28.09
CA TRP B 273 -7.27 -5.79 -28.58
C TRP B 273 -8.46 -6.74 -28.76
N TYR B 274 -9.54 -6.52 -28.03
CA TYR B 274 -10.79 -7.25 -28.29
C TYR B 274 -11.46 -6.71 -29.54
N LYS B 275 -11.58 -5.37 -29.61
CA LYS B 275 -12.23 -4.64 -30.71
C LYS B 275 -11.55 -4.83 -32.07
N SER B 276 -10.22 -4.79 -32.09
CA SER B 276 -9.43 -5.00 -33.30
C SER B 276 -9.73 -6.30 -34.09
N ASN B 277 -10.19 -7.35 -33.39
CA ASN B 277 -10.34 -8.65 -34.01
C ASN B 277 -11.61 -9.39 -33.50
N MET B 278 -12.75 -8.68 -33.47
CA MET B 278 -14.02 -9.21 -32.90
C MET B 278 -14.53 -10.46 -33.62
N LEU B 315 -3.20 -5.66 -37.38
CA LEU B 315 -3.60 -6.58 -36.32
C LEU B 315 -3.89 -5.80 -35.00
N TYR B 316 -2.85 -5.48 -34.23
CA TYR B 316 -2.96 -4.74 -32.94
C TYR B 316 -1.57 -4.36 -32.43
N SER B 317 -1.42 -3.12 -31.98
CA SER B 317 -0.10 -2.59 -31.62
C SER B 317 -0.03 -2.17 -30.14
N PRO B 318 0.72 -2.93 -29.31
CA PRO B 318 0.81 -2.54 -27.91
C PRO B 318 1.29 -1.09 -27.70
N GLN B 319 2.27 -0.63 -28.47
CA GLN B 319 2.79 0.73 -28.30
C GLN B 319 1.77 1.80 -28.68
N MET B 320 0.86 1.46 -29.61
CA MET B 320 -0.19 2.39 -30.07
C MET B 320 -1.29 2.47 -29.03
N ALA B 321 -1.79 1.30 -28.66
CA ALA B 321 -2.81 1.13 -27.61
C ALA B 321 -2.54 1.99 -26.39
N LEU B 322 -1.30 1.85 -25.90
CA LEU B 322 -0.78 2.60 -24.78
C LEU B 322 -0.94 4.10 -25.00
N LYS B 323 -0.48 4.59 -26.16
CA LYS B 323 -0.60 6.03 -26.46
C LYS B 323 -2.07 6.48 -26.46
N LEU B 324 -2.96 5.61 -26.90
CA LEU B 324 -4.39 5.93 -26.92
C LEU B 324 -4.93 6.02 -25.49
N ALA B 325 -4.67 4.96 -24.73
CA ALA B 325 -5.02 4.89 -23.32
C ALA B 325 -4.44 6.07 -22.51
N LEU B 326 -3.15 6.35 -22.64
CA LEU B 326 -2.51 7.41 -21.85
C LEU B 326 -3.02 8.83 -22.17
N THR B 327 -3.35 9.09 -23.44
CA THR B 327 -3.95 10.39 -23.83
C THR B 327 -5.35 10.54 -23.25
N GLU B 328 -6.14 9.47 -23.36
CA GLU B 328 -7.52 9.43 -22.86
C GLU B 328 -7.51 9.54 -21.34
N TRP B 329 -6.68 8.73 -20.69
CA TRP B 329 -6.50 8.77 -19.24
C TRP B 329 -6.26 10.20 -18.77
N LEU B 330 -5.31 10.88 -19.40
CA LEU B 330 -4.88 12.24 -19.00
C LEU B 330 -6.04 13.24 -18.80
N GLN B 331 -7.17 13.02 -19.49
CA GLN B 331 -8.35 13.88 -19.34
C GLN B 331 -8.79 13.91 -17.87
N GLU B 332 -8.73 12.72 -17.25
CA GLU B 332 -9.13 12.50 -15.85
C GLU B 332 -8.34 13.26 -14.75
N PHE B 333 -7.11 13.69 -15.03
CA PHE B 333 -6.27 14.35 -14.00
C PHE B 333 -6.55 15.84 -13.97
N SER B 352 0.65 20.91 -13.26
CA SER B 352 -0.38 20.21 -13.99
C SER B 352 0.19 19.05 -14.82
N VAL B 353 -0.41 17.87 -14.66
CA VAL B 353 0.13 16.62 -15.19
C VAL B 353 0.07 16.54 -16.71
N THR B 354 1.20 16.18 -17.33
CA THR B 354 1.34 16.08 -18.79
C THR B 354 1.33 14.63 -19.29
N LEU B 355 1.25 14.46 -20.61
CA LEU B 355 1.28 13.13 -21.23
C LEU B 355 2.64 12.50 -21.06
N GLU B 356 3.69 13.33 -21.19
CA GLU B 356 5.08 12.87 -21.05
C GLU B 356 5.24 12.27 -19.66
N ASP B 357 4.72 12.97 -18.66
CA ASP B 357 4.69 12.49 -17.26
C ASP B 357 4.10 11.09 -17.13
N LEU B 358 2.95 10.89 -17.78
CA LEU B 358 2.27 9.61 -17.72
C LEU B 358 3.03 8.56 -18.51
N GLN B 359 3.61 9.00 -19.63
CA GLN B 359 4.41 8.11 -20.48
C GLN B 359 5.56 7.55 -19.67
N LEU B 360 6.18 8.44 -18.88
CA LEU B 360 7.28 8.08 -18.00
C LEU B 360 6.81 7.10 -16.94
N LEU B 361 5.75 7.52 -16.21
CA LEU B 361 5.11 6.72 -15.16
C LEU B 361 4.84 5.28 -15.57
N ALA B 362 4.17 5.13 -16.70
CA ALA B 362 3.84 3.83 -17.26
C ALA B 362 5.09 3.02 -17.60
N ASP B 363 6.13 3.70 -18.09
CA ASP B 363 7.42 3.05 -18.40
C ASP B 363 8.15 2.60 -17.12
N LEU B 364 8.03 3.40 -16.05
CA LEU B 364 8.63 3.04 -14.75
C LEU B 364 7.90 1.82 -14.12
N PHE B 365 6.59 1.81 -14.25
CA PHE B 365 5.75 0.72 -13.77
C PHE B 365 5.03 0.11 -14.96
N TYR B 366 5.71 -0.73 -15.73
CA TYR B 366 5.20 -1.25 -17.04
C TYR B 366 4.56 -2.63 -16.89
N LEU B 367 5.31 -3.73 -17.00
CA LEU B 367 4.70 -5.06 -17.06
C LEU B 367 5.50 -6.05 -16.22
N PRO B 368 4.94 -7.23 -15.91
CA PRO B 368 5.65 -8.22 -15.10
C PRO B 368 7.10 -8.56 -15.48
N TYR B 369 7.37 -8.61 -16.78
CA TYR B 369 8.62 -9.15 -17.29
C TYR B 369 9.38 -8.14 -18.14
N GLU B 370 9.03 -6.87 -18.04
CA GLU B 370 9.55 -5.86 -18.96
C GLU B 370 9.23 -4.47 -18.45
N HIS B 371 10.26 -3.62 -18.30
CA HIS B 371 10.08 -2.19 -18.03
C HIS B 371 9.75 -1.50 -19.35
N GLY B 372 9.47 -0.21 -19.26
CA GLY B 372 9.21 0.58 -20.45
C GLY B 372 10.49 1.24 -20.90
N PRO B 373 10.55 1.66 -22.16
CA PRO B 373 11.67 2.37 -22.75
C PRO B 373 12.44 3.36 -21.84
N LYS B 374 11.79 4.42 -21.34
CA LYS B 374 12.43 5.39 -20.43
C LYS B 374 12.91 4.78 -19.10
N GLY B 375 12.33 3.65 -18.69
CA GLY B 375 12.73 2.95 -17.50
C GLY B 375 13.97 2.15 -17.74
N ALA B 376 13.93 1.30 -18.77
CA ALA B 376 15.04 0.44 -19.19
C ALA B 376 16.30 1.22 -19.56
N GLN B 377 16.12 2.39 -20.20
CA GLN B 377 17.24 3.25 -20.59
C GLN B 377 17.87 3.96 -19.38
N MET B 378 17.04 4.50 -18.50
CA MET B 378 17.53 5.01 -17.22
C MET B 378 18.36 3.96 -16.48
N LEU B 379 17.98 2.69 -16.59
CA LEU B 379 18.72 1.63 -15.92
C LEU B 379 20.06 1.38 -16.59
N ARG B 380 20.04 1.15 -17.91
CA ARG B 380 21.25 1.02 -18.74
C ARG B 380 22.33 2.06 -18.40
N GLU B 381 21.93 3.32 -18.45
CA GLU B 381 22.83 4.44 -18.19
C GLU B 381 23.37 4.39 -16.78
N PHE B 382 22.54 4.08 -15.80
CA PHE B 382 23.02 4.08 -14.43
C PHE B 382 23.96 2.91 -14.21
N GLN B 383 23.69 1.78 -14.88
CA GLN B 383 24.60 0.62 -14.86
C GLN B 383 25.92 0.91 -15.58
N TRP B 384 25.85 1.68 -16.67
CA TRP B 384 27.05 2.15 -17.37
C TRP B 384 27.80 3.16 -16.50
N LEU B 385 27.08 4.13 -15.94
CA LEU B 385 27.71 5.21 -15.21
C LEU B 385 28.47 4.68 -14.01
N ARG B 386 27.92 3.73 -13.28
CA ARG B 386 28.63 3.19 -12.11
C ARG B 386 29.78 2.24 -12.53
N ALA B 387 29.56 1.42 -13.55
CA ALA B 387 30.59 0.53 -14.11
C ALA B 387 31.85 1.30 -14.52
N ASN B 388 31.69 2.30 -15.38
CA ASN B 388 32.81 3.14 -15.84
C ASN B 388 33.13 4.35 -14.90
N SER B 389 32.82 4.25 -13.61
CA SER B 389 33.06 5.34 -12.64
C SER B 389 34.48 5.40 -12.10
N SER B 390 35.27 4.34 -12.29
CA SER B 390 36.70 4.33 -11.91
C SER B 390 37.55 5.35 -12.67
N VAL B 391 37.00 6.01 -13.69
CA VAL B 391 37.70 7.07 -14.43
C VAL B 391 37.63 8.45 -13.70
N VAL B 392 37.35 8.42 -12.38
CA VAL B 392 37.57 9.57 -11.49
C VAL B 392 37.98 9.07 -10.09
N GLU B 402 41.33 14.80 -20.86
CA GLU B 402 41.05 14.19 -22.15
C GLU B 402 40.57 12.76 -21.99
N LYS B 403 39.77 12.32 -22.97
CA LYS B 403 39.22 10.95 -23.12
C LYS B 403 37.94 10.62 -22.27
N ILE B 404 37.72 11.34 -21.17
CA ILE B 404 36.53 11.14 -20.32
C ILE B 404 35.70 12.41 -20.10
N GLU B 405 35.38 13.06 -21.21
CA GLU B 405 34.36 14.10 -21.24
C GLU B 405 32.99 13.36 -21.26
N GLU B 406 33.02 12.07 -21.62
CA GLU B 406 31.83 11.21 -21.84
C GLU B 406 31.01 10.94 -20.58
N TRP B 407 31.69 10.54 -19.50
CA TRP B 407 31.06 10.25 -18.21
C TRP B 407 30.38 11.49 -17.64
N ARG B 408 31.05 12.63 -17.69
CA ARG B 408 30.48 13.90 -17.17
C ARG B 408 29.22 14.31 -17.95
N SER B 409 29.31 14.31 -19.28
CA SER B 409 28.18 14.75 -20.10
C SER B 409 27.01 13.78 -20.01
N ARG B 410 27.28 12.51 -19.68
CA ARG B 410 26.22 11.50 -19.52
C ARG B 410 25.60 11.54 -18.11
N ALA B 411 26.45 11.74 -17.12
CA ALA B 411 25.99 12.00 -15.77
C ALA B 411 25.14 13.26 -15.66
N ALA B 412 25.31 14.22 -16.57
CA ALA B 412 24.40 15.36 -16.64
C ALA B 412 23.06 14.96 -17.30
N LYS B 413 23.12 14.23 -18.43
CA LYS B 413 21.92 13.64 -19.06
C LYS B 413 21.12 12.83 -18.08
N PHE B 414 21.81 12.09 -17.22
CA PHE B 414 21.14 11.25 -16.25
C PHE B 414 20.50 12.06 -15.14
N GLU B 415 21.29 12.91 -14.51
CA GLU B 415 20.77 13.76 -13.43
C GLU B 415 19.52 14.55 -13.88
N GLU B 416 19.40 14.84 -15.18
CA GLU B 416 18.18 15.48 -15.71
C GLU B 416 16.99 14.54 -15.75
N MET B 417 17.17 13.33 -16.31
CA MET B 417 16.09 12.34 -16.40
C MET B 417 15.57 11.96 -15.01
N CYS B 418 16.43 12.02 -13.99
CA CYS B 418 16.02 11.92 -12.60
C CYS B 418 15.15 13.12 -12.21
N GLY B 419 15.55 14.32 -12.62
CA GLY B 419 14.75 15.52 -12.40
C GLY B 419 13.33 15.47 -12.95
N LEU B 420 13.15 14.71 -14.03
CA LEU B 420 11.83 14.54 -14.61
C LEU B 420 10.93 13.68 -13.74
N VAL B 421 11.49 12.61 -13.16
CA VAL B 421 10.73 11.76 -12.25
C VAL B 421 10.28 12.56 -10.99
N MET B 422 11.15 13.44 -10.49
CA MET B 422 10.77 14.36 -9.41
C MET B 422 9.61 15.26 -9.83
N GLY B 423 9.66 15.79 -11.05
CA GLY B 423 8.65 16.73 -11.55
C GLY B 423 7.28 16.10 -11.78
N MET B 424 7.29 14.91 -12.37
CA MET B 424 6.12 14.03 -12.46
C MET B 424 5.39 13.88 -11.14
N PHE B 425 6.16 13.67 -10.07
CA PHE B 425 5.61 13.53 -8.71
C PHE B 425 5.05 14.84 -8.21
N THR B 426 5.79 15.94 -8.33
CA THR B 426 5.26 17.24 -7.97
C THR B 426 3.90 17.45 -8.66
N ARG B 427 3.88 17.23 -9.96
CA ARG B 427 2.68 17.47 -10.75
C ARG B 427 1.51 16.51 -10.44
N LEU B 428 1.81 15.25 -10.12
CA LEU B 428 0.77 14.31 -9.72
C LEU B 428 0.16 14.68 -8.37
N SER B 429 0.99 15.23 -7.48
CA SER B 429 0.55 15.59 -6.13
C SER B 429 -0.22 16.92 -6.11
N ASN B 430 0.00 17.77 -7.11
CA ASN B 430 -0.80 18.99 -7.26
C ASN B 430 -2.05 18.74 -8.12
N CYS B 431 -2.28 17.50 -8.58
CA CYS B 431 -3.38 17.22 -9.50
C CYS B 431 -4.72 17.30 -8.80
N ALA B 432 -5.81 17.22 -9.58
CA ALA B 432 -7.18 17.38 -9.05
C ALA B 432 -7.81 16.08 -8.67
N ASN B 433 -7.54 15.00 -9.43
CA ASN B 433 -8.18 13.69 -9.21
C ASN B 433 -7.46 12.94 -8.09
N ARG B 434 -7.94 13.16 -6.89
CA ARG B 434 -7.35 12.63 -5.68
C ARG B 434 -7.60 11.12 -5.54
N THR B 435 -8.71 10.63 -6.09
CA THR B 435 -8.96 9.19 -6.13
C THR B 435 -7.79 8.51 -6.84
N ILE B 436 -7.45 9.04 -8.02
CA ILE B 436 -6.32 8.53 -8.80
C ILE B 436 -4.96 8.79 -8.08
N LEU B 437 -4.81 9.93 -7.40
CA LEU B 437 -3.56 10.19 -6.65
C LEU B 437 -3.35 9.18 -5.53
N TYR B 438 -4.33 9.07 -4.62
CA TYR B 438 -4.21 8.18 -3.47
C TYR B 438 -3.97 6.68 -3.85
N ASP B 439 -4.61 6.18 -4.90
CA ASP B 439 -4.43 4.77 -5.30
C ASP B 439 -2.98 4.46 -5.72
N MET B 440 -2.23 5.49 -6.13
CA MET B 440 -0.86 5.30 -6.63
C MET B 440 0.21 5.99 -5.80
N TYR B 441 -0.18 6.64 -4.72
CA TYR B 441 0.74 7.52 -4.04
C TYR B 441 2.02 6.81 -3.57
N SER B 442 1.86 5.69 -2.88
CA SER B 442 2.98 4.98 -2.29
C SER B 442 3.92 4.39 -3.38
N TYR B 443 3.36 4.11 -4.55
CA TYR B 443 4.15 3.61 -5.67
C TYR B 443 4.96 4.74 -6.23
N VAL B 444 4.32 5.88 -6.41
CA VAL B 444 4.97 7.04 -6.99
C VAL B 444 6.01 7.64 -6.06
N TRP B 445 5.72 7.72 -4.77
CA TRP B 445 6.69 8.20 -3.78
C TRP B 445 7.94 7.31 -3.73
N ASP B 446 7.76 6.00 -3.92
CA ASP B 446 8.88 5.08 -3.82
C ASP B 446 9.89 5.32 -4.94
N ILE B 447 9.44 5.31 -6.20
CA ILE B 447 10.33 5.58 -7.34
C ILE B 447 10.92 6.97 -7.22
N LYS B 448 10.08 7.96 -6.94
CA LYS B 448 10.53 9.34 -6.79
C LYS B 448 11.71 9.38 -5.84
N SER B 449 11.62 8.63 -4.74
CA SER B 449 12.62 8.75 -3.69
C SER B 449 13.86 7.84 -3.92
N ILE B 450 13.69 6.66 -4.49
CA ILE B 450 14.86 5.88 -4.94
C ILE B 450 15.68 6.69 -5.98
N MET B 451 15.01 7.34 -6.92
CA MET B 451 15.68 8.20 -7.90
C MET B 451 16.48 9.33 -7.26
N SER B 452 16.02 9.94 -6.17
CA SER B 452 16.82 10.97 -5.50
C SER B 452 18.15 10.41 -5.03
N MET B 453 18.08 9.22 -4.41
CA MET B 453 19.26 8.60 -3.80
C MET B 453 20.21 8.19 -4.91
N VAL B 454 19.65 7.73 -6.01
CA VAL B 454 20.41 7.45 -7.24
C VAL B 454 21.07 8.68 -7.86
N LYS B 455 20.27 9.72 -8.14
CA LYS B 455 20.80 11.00 -8.66
C LYS B 455 21.88 11.54 -7.76
N SER B 456 21.64 11.53 -6.46
CA SER B 456 22.63 12.09 -5.53
C SER B 456 23.89 11.19 -5.41
N PHE B 457 23.76 9.91 -5.76
CA PHE B 457 24.90 8.96 -5.79
C PHE B 457 25.73 9.08 -7.06
N VAL B 458 25.10 9.43 -8.17
CA VAL B 458 25.84 9.77 -9.35
C VAL B 458 26.58 11.10 -9.07
N GLN B 459 25.86 12.11 -8.58
CA GLN B 459 26.53 13.36 -8.11
C GLN B 459 27.80 13.07 -7.32
N TRP B 460 27.69 12.18 -6.34
CA TRP B 460 28.78 11.84 -5.45
C TRP B 460 29.98 11.24 -6.15
N LEU B 461 29.74 10.25 -7.00
CA LEU B 461 30.77 9.69 -7.88
C LEU B 461 31.53 10.75 -8.70
N GLY B 462 30.80 11.79 -9.12
CA GLY B 462 31.38 12.95 -9.79
C GLY B 462 32.29 13.77 -8.89
N CYS B 463 31.74 14.34 -7.78
CA CYS B 463 32.52 15.22 -6.86
C CYS B 463 33.69 14.39 -6.09
N ARG B 464 33.96 13.10 -6.48
CA ARG B 464 35.17 12.24 -6.06
C ARG B 464 36.57 12.73 -6.46
N SER B 465 36.67 13.27 -7.68
CA SER B 465 37.87 13.95 -8.18
C SER B 465 38.49 14.90 -7.17
N HIS B 466 37.66 15.51 -6.33
CA HIS B 466 38.07 16.50 -5.36
C HIS B 466 37.48 16.26 -3.96
N SER B 467 37.31 14.98 -3.58
CA SER B 467 36.83 14.63 -2.22
C SER B 467 36.96 13.14 -1.97
N SER B 468 37.05 12.79 -0.68
CA SER B 468 36.98 11.39 -0.25
C SER B 468 36.14 11.29 1.02
N ALA B 469 35.06 12.06 1.06
CA ALA B 469 34.00 11.87 2.03
C ALA B 469 33.29 10.54 1.76
N GLN B 470 32.74 9.93 2.80
CA GLN B 470 31.79 8.80 2.66
C GLN B 470 30.56 9.23 1.84
N PHE B 471 29.86 8.25 1.24
CA PHE B 471 28.58 8.53 0.55
C PHE B 471 27.46 8.91 1.52
N LEU B 472 27.39 8.26 2.68
CA LEU B 472 26.50 8.69 3.77
C LEU B 472 27.24 9.61 4.77
N ILE B 473 26.72 10.83 4.98
CA ILE B 473 27.25 11.78 5.99
C ILE B 473 26.77 11.36 7.38
N GLY B 474 27.61 10.62 8.11
CA GLY B 474 27.37 10.23 9.50
C GLY B 474 26.11 9.41 9.78
N ASP B 475 25.32 9.88 10.76
CA ASP B 475 24.12 9.19 11.27
C ASP B 475 22.86 9.66 10.51
N GLN B 476 22.07 8.70 10.02
CA GLN B 476 21.00 8.97 9.05
C GLN B 476 19.60 9.08 9.67
N GLU B 477 18.64 9.44 8.83
CA GLU B 477 17.22 9.16 9.07
C GLU B 477 17.01 7.69 8.63
N PRO B 478 15.89 7.06 9.03
CA PRO B 478 15.78 5.64 8.73
C PRO B 478 15.82 5.31 7.22
N TRP B 479 15.13 6.11 6.41
CA TRP B 479 14.90 5.81 4.98
C TRP B 479 16.12 5.82 4.04
N ALA B 480 17.34 5.81 4.58
CA ALA B 480 18.53 5.38 3.86
C ALA B 480 18.75 3.82 3.94
N PHE B 481 18.10 3.13 4.90
CA PHE B 481 18.20 1.63 5.08
C PHE B 481 16.85 0.85 4.96
N ARG B 482 16.46 0.59 3.72
CA ARG B 482 15.06 0.32 3.37
C ARG B 482 14.57 -1.09 3.68
N GLY B 483 13.26 -1.22 3.62
CA GLY B 483 12.60 -2.51 3.60
C GLY B 483 12.28 -3.17 4.92
N GLY B 484 12.79 -2.63 6.03
CA GLY B 484 12.64 -3.30 7.33
C GLY B 484 13.13 -4.76 7.34
N LEU B 485 12.52 -5.61 8.17
CA LEU B 485 13.00 -6.98 8.37
C LEU B 485 12.96 -7.75 7.08
N ALA B 486 11.83 -7.65 6.40
CA ALA B 486 11.62 -8.31 5.13
C ALA B 486 12.80 -7.97 4.26
N GLY B 487 13.03 -6.67 4.08
CA GLY B 487 14.18 -6.17 3.32
C GLY B 487 15.51 -6.81 3.68
N GLU B 488 15.78 -7.03 4.97
CA GLU B 488 17.06 -7.62 5.40
C GLU B 488 17.16 -9.09 5.02
N PHE B 489 16.14 -9.87 5.38
CA PHE B 489 16.07 -11.25 4.94
C PHE B 489 16.31 -11.40 3.44
N GLN B 490 15.70 -10.53 2.65
CA GLN B 490 15.76 -10.62 1.20
C GLN B 490 17.15 -10.39 0.65
N ARG B 491 17.92 -9.51 1.27
CA ARG B 491 19.28 -9.22 0.78
C ARG B 491 20.31 -10.31 1.13
N LEU B 492 19.85 -11.40 1.73
CA LEU B 492 20.66 -12.58 2.02
C LEU B 492 20.31 -13.78 1.14
N LEU B 493 19.32 -13.66 0.28
CA LEU B 493 19.06 -14.71 -0.70
C LEU B 493 19.94 -14.39 -1.91
N PRO B 494 20.51 -15.40 -2.59
CA PRO B 494 21.54 -15.11 -3.61
C PRO B 494 21.03 -15.01 -5.06
N SER C 7 11.75 21.52 -6.87
CA SER C 7 12.62 21.09 -5.73
C SER C 7 12.40 19.59 -5.37
N SER C 8 11.53 19.35 -4.39
CA SER C 8 11.44 18.07 -3.63
C SER C 8 10.64 18.34 -2.34
N ARG C 9 11.07 19.36 -1.61
CA ARG C 9 10.35 19.94 -0.45
C ARG C 9 9.73 18.94 0.54
N VAL C 10 10.50 17.90 0.90
CA VAL C 10 10.01 16.86 1.84
C VAL C 10 10.92 16.65 3.06
N THR C 11 10.34 15.99 4.06
CA THR C 11 11.05 15.54 5.26
C THR C 11 12.35 14.86 4.85
N SER D 8 8.23 -17.00 -12.90
CA SER D 8 7.65 -15.79 -12.23
C SER D 8 8.08 -15.69 -10.77
N ARG D 9 7.32 -14.91 -9.99
CA ARG D 9 7.39 -14.91 -8.52
C ARG D 9 6.37 -15.95 -7.95
N VAL D 10 5.08 -15.59 -7.90
CA VAL D 10 4.04 -16.45 -7.28
C VAL D 10 2.60 -16.05 -7.69
N THR D 11 1.53 -16.93 -7.20
CA THR D 11 0.08 -16.60 -7.24
C THR D 11 -0.33 -15.63 -6.09
C1 NAG E . 8.49 15.06 7.99
C2 NAG E . 7.04 15.72 7.79
C3 NAG E . 5.98 14.64 8.23
C4 NAG E . 6.26 13.33 7.64
C5 NAG E . 7.45 12.89 8.43
C6 NAG E . 7.61 11.39 8.09
C7 NAG E . 7.13 16.66 10.07
C8 NAG E . 6.97 17.70 11.10
N2 NAG E . 6.87 16.81 8.73
O3 NAG E . 4.79 15.03 7.54
O4 NAG E . 5.18 12.57 8.15
O5 NAG E . 8.54 13.65 7.82
O6 NAG E . 8.12 11.31 6.77
O7 NAG E . 7.54 15.59 10.46
C1 NAG F . -2.93 -16.75 -8.48
C2 NAG F . -4.39 -16.57 -7.86
C3 NAG F . -4.87 -15.14 -8.34
C4 NAG F . -3.88 -14.12 -7.93
C5 NAG F . -2.71 -14.41 -8.87
C6 NAG F . -1.77 -13.24 -8.68
C7 NAG F . -5.57 -17.81 -9.73
C8 NAG F . -6.50 -18.83 -10.28
N2 NAG F . -5.31 -17.60 -8.36
O3 NAG F . -5.99 -14.82 -7.51
O4 NAG F . -4.48 -12.92 -8.37
O5 NAG F . -2.12 -15.62 -8.34
O6 NAG F . -0.87 -13.64 -7.64
O7 NAG F . -5.01 -17.10 -10.54
#